data_3E6L
#
_entry.id   3E6L
#
_cell.length_a   213.898
_cell.length_b   213.898
_cell.length_c   116.148
_cell.angle_alpha   90.00
_cell.angle_beta   90.00
_cell.angle_gamma   120.00
#
_symmetry.space_group_name_H-M   'P 61 2 2'
#
loop_
_entity.id
_entity.type
_entity.pdbx_description
1 polymer 'Nitric oxide synthase, inducible'
2 non-polymer 'octyl beta-D-glucopyranoside'
3 non-polymer 'SULFATE ION'
4 non-polymer 'PROTOPORPHYRIN IX CONTAINING FE'
5 non-polymer 5,6,7,8-TETRAHYDROBIOPTERIN
6 non-polymer 'ETHYL 4-[(4-CHLOROPYRIDIN-2-YL)AMINO]PIPERIDINE-1-CARBOXYLATE'
7 water water
#
_entity_poly.entity_id   1
_entity_poly.type   'polypeptide(L)'
_entity_poly.pdbx_seq_one_letter_code
;LDKLHVTSTRPQYVRIKNWGSGEILHDTLHHKATSDFTCKSKSCLGSIMNPKSLTRGPRDKPTPLEELLPHAIEFINQYY
GSFKEAKIEEHLARLEAVTKEIETTGTYQLTLDELIFATKMAWRNAPRCIGRIQWSNLQVFDARNCSTAQEMFQHICRHI
LYATNNGNIRSAITVFPQRSDGKHDFRLWNSQLIRYAGYQMPDGTIRGDAATLEFTQLCIDLGWKPRYGRFDVLPLVLQA
DGQDPEVFEIPPDLVLEVTMEHPKYEWFQELGLKWYALPAVANMLLEVGGLEFPACPFNGWYMGTEIGVRDFCDTQRYNI
LEEVGRRMGLETHTLASLWKDRAVTEINVAVLHSFQKQNVTIMDHHTASESFMKHMQNEYRARGGCPADWIWLVPPVSGS
ITPVFHQEMLNYVLSPFYYYQIEPWKTHIWQNE
;
_entity_poly.pdbx_strand_id   A,B
#
# COMPACT_ATOMS: atom_id res chain seq x y z
N GLN A 12 5.61 -32.82 46.47
CA GLN A 12 4.24 -33.38 46.66
C GLN A 12 3.17 -32.42 46.17
N TYR A 13 3.31 -31.14 46.54
CA TYR A 13 2.35 -30.09 46.15
C TYR A 13 2.91 -28.70 46.49
N VAL A 14 2.48 -27.66 45.78
CA VAL A 14 2.96 -26.32 46.10
C VAL A 14 2.00 -25.62 47.03
N ARG A 15 2.55 -24.86 47.97
CA ARG A 15 1.77 -24.13 48.96
C ARG A 15 1.46 -22.73 48.44
N ILE A 16 0.18 -22.35 48.51
CA ILE A 16 -0.27 -21.06 48.02
C ILE A 16 -1.02 -20.29 49.10
N LYS A 17 -0.60 -19.05 49.33
CA LYS A 17 -1.22 -18.23 50.36
C LYS A 17 -1.95 -16.98 49.91
N ASN A 18 -3.02 -16.69 50.63
CA ASN A 18 -3.84 -15.52 50.41
C ASN A 18 -3.61 -14.60 51.60
N TRP A 19 -2.73 -13.61 51.44
CA TRP A 19 -2.39 -12.69 52.52
C TRP A 19 -3.51 -11.77 52.95
N GLY A 20 -4.69 -11.95 52.37
CA GLY A 20 -5.80 -11.12 52.75
C GLY A 20 -6.65 -11.86 53.79
N SER A 21 -6.69 -13.18 53.65
CA SER A 21 -7.48 -14.02 54.55
C SER A 21 -6.66 -15.06 55.29
N GLY A 22 -5.36 -15.13 54.99
CA GLY A 22 -4.51 -16.10 55.64
C GLY A 22 -4.68 -17.50 55.07
N GLU A 23 -5.73 -17.68 54.27
CA GLU A 23 -6.06 -18.95 53.63
C GLU A 23 -4.88 -19.60 52.91
N ILE A 24 -4.74 -20.91 53.12
CA ILE A 24 -3.67 -21.66 52.48
C ILE A 24 -4.25 -22.70 51.53
N LEU A 25 -3.65 -22.82 50.36
CA LEU A 25 -4.07 -23.79 49.37
C LEU A 25 -2.86 -24.60 48.91
N HIS A 26 -3.12 -25.85 48.52
CA HIS A 26 -2.07 -26.75 48.06
C HIS A 26 -2.32 -27.02 46.60
N ASP A 27 -1.37 -26.64 45.75
CA ASP A 27 -1.55 -26.86 44.34
C ASP A 27 -0.86 -28.12 43.84
N THR A 28 -1.67 -29.08 43.41
CA THR A 28 -1.13 -30.33 42.88
C THR A 28 -1.31 -30.31 41.38
N LEU A 29 -2.38 -29.68 40.93
CA LEU A 29 -2.70 -29.59 39.52
C LEU A 29 -1.51 -29.25 38.62
N HIS A 30 -0.63 -28.39 39.11
CA HIS A 30 0.54 -27.97 38.33
C HIS A 30 1.40 -29.12 37.85
N HIS A 31 1.27 -30.27 38.49
CA HIS A 31 2.06 -31.44 38.12
C HIS A 31 1.71 -31.89 36.71
N LYS A 32 0.50 -31.58 36.26
CA LYS A 32 0.04 -31.95 34.93
C LYS A 32 0.45 -30.93 33.86
N ALA A 33 1.25 -29.94 34.27
CA ALA A 33 1.72 -28.91 33.36
C ALA A 33 2.52 -29.51 32.22
N THR A 34 2.83 -28.70 31.21
CA THR A 34 3.60 -29.17 30.06
C THR A 34 5.08 -28.84 30.23
N SER A 35 5.61 -27.97 29.36
CA SER A 35 7.01 -27.54 29.40
C SER A 35 7.55 -27.46 30.83
N SER A 43 17.36 -15.16 34.26
CA SER A 43 16.37 -14.09 34.15
C SER A 43 14.94 -14.63 34.13
N CYS A 44 14.08 -14.07 34.97
CA CYS A 44 12.68 -14.51 35.04
C CYS A 44 11.82 -13.68 34.09
N LEU A 45 11.40 -14.32 32.98
CA LEU A 45 10.55 -13.68 31.96
C LEU A 45 9.14 -13.49 32.51
N GLY A 46 8.99 -12.54 33.44
CA GLY A 46 7.70 -12.27 34.06
C GLY A 46 6.71 -11.40 33.31
N SER A 47 7.04 -10.12 33.17
CA SER A 47 6.14 -9.20 32.47
C SER A 47 6.29 -9.20 30.95
N ILE A 48 6.42 -10.40 30.37
CA ILE A 48 6.52 -10.51 28.92
C ILE A 48 5.15 -10.82 28.37
N MET A 49 4.67 -9.93 27.51
CA MET A 49 3.36 -10.05 26.90
C MET A 49 3.18 -11.34 26.13
N ASN A 50 4.07 -11.57 25.16
CA ASN A 50 3.99 -12.75 24.32
C ASN A 50 5.23 -13.64 24.40
N PRO A 51 5.39 -14.37 25.52
CA PRO A 51 6.56 -15.25 25.70
C PRO A 51 6.40 -16.48 24.79
N LYS A 52 7.51 -17.05 24.32
CA LYS A 52 7.45 -18.22 23.44
C LYS A 52 6.68 -19.37 24.05
N SER A 53 6.67 -19.42 25.37
CA SER A 53 5.96 -20.46 26.10
C SER A 53 4.45 -20.47 25.86
N LEU A 54 3.89 -19.32 25.50
CA LEU A 54 2.45 -19.19 25.26
C LEU A 54 2.11 -19.11 23.76
N THR A 55 3.12 -19.29 22.91
CA THR A 55 2.91 -19.21 21.47
C THR A 55 3.06 -20.55 20.74
N ARG A 56 2.00 -20.99 20.07
CA ARG A 56 2.07 -22.23 19.30
C ARG A 56 2.17 -21.84 17.83
N GLY A 57 3.38 -21.95 17.28
CA GLY A 57 3.64 -21.56 15.90
C GLY A 57 3.19 -22.49 14.77
N PRO A 58 3.57 -22.16 13.53
CA PRO A 58 3.24 -22.90 12.30
C PRO A 58 3.93 -24.26 12.07
N ARG A 59 3.56 -24.91 10.97
CA ARG A 59 4.10 -26.21 10.57
C ARG A 59 3.89 -26.40 9.06
N ASP A 60 4.70 -27.28 8.46
CA ASP A 60 4.59 -27.60 7.04
C ASP A 60 4.57 -29.11 6.89
N LYS A 61 4.33 -29.79 8.00
CA LYS A 61 4.26 -31.24 8.02
C LYS A 61 3.35 -31.70 9.13
N PRO A 62 2.65 -32.80 8.89
CA PRO A 62 1.73 -33.34 9.89
C PRO A 62 2.42 -33.62 11.21
N THR A 63 1.61 -33.79 12.24
CA THR A 63 2.13 -34.07 13.55
C THR A 63 2.69 -35.48 13.58
N PRO A 64 3.97 -35.62 13.93
CA PRO A 64 4.60 -36.94 14.01
C PRO A 64 3.68 -37.83 14.81
N LEU A 65 3.29 -38.95 14.22
CA LEU A 65 2.37 -39.85 14.88
C LEU A 65 2.85 -40.27 16.26
N GLU A 66 4.16 -40.34 16.45
CA GLU A 66 4.69 -40.73 17.76
C GLU A 66 4.28 -39.73 18.82
N GLU A 67 4.14 -38.47 18.43
CA GLU A 67 3.73 -37.43 19.37
C GLU A 67 2.21 -37.38 19.46
N LEU A 68 1.53 -37.41 18.31
CA LEU A 68 0.08 -37.33 18.27
C LEU A 68 -0.69 -38.35 19.12
N LEU A 69 -0.49 -39.63 18.83
CA LEU A 69 -1.21 -40.68 19.55
C LEU A 69 -1.18 -40.58 21.07
N PRO A 70 0.00 -40.31 21.66
CA PRO A 70 0.10 -40.21 23.11
C PRO A 70 -0.82 -39.12 23.63
N HIS A 71 -0.78 -37.97 22.96
CA HIS A 71 -1.61 -36.85 23.35
C HIS A 71 -3.07 -37.19 23.15
N ALA A 72 -3.36 -37.86 22.03
CA ALA A 72 -4.72 -38.27 21.73
C ALA A 72 -5.25 -39.16 22.85
N ILE A 73 -4.51 -40.24 23.10
CA ILE A 73 -4.87 -41.19 24.15
C ILE A 73 -5.15 -40.40 25.41
N GLU A 74 -4.19 -39.53 25.72
CA GLU A 74 -4.24 -38.67 26.88
C GLU A 74 -5.58 -37.93 26.98
N PHE A 75 -5.88 -37.13 25.96
CA PHE A 75 -7.13 -36.38 25.92
C PHE A 75 -8.36 -37.27 26.11
N ILE A 76 -8.45 -38.33 25.31
CA ILE A 76 -9.59 -39.25 25.38
C ILE A 76 -9.81 -39.76 26.79
N ASN A 77 -8.72 -39.93 27.54
CA ASN A 77 -8.82 -40.40 28.91
C ASN A 77 -9.36 -39.34 29.82
N GLN A 78 -8.95 -38.11 29.57
CA GLN A 78 -9.42 -36.98 30.36
C GLN A 78 -10.94 -36.89 30.12
N TYR A 79 -11.33 -36.79 28.85
CA TYR A 79 -12.73 -36.70 28.49
C TYR A 79 -13.59 -37.77 29.18
N TYR A 80 -13.24 -39.04 29.02
CA TYR A 80 -14.04 -40.10 29.63
C TYR A 80 -13.99 -40.12 31.14
N GLY A 81 -12.91 -39.63 31.70
CA GLY A 81 -12.80 -39.62 33.15
C GLY A 81 -13.61 -38.48 33.74
N SER A 82 -14.14 -37.62 32.88
CA SER A 82 -14.90 -36.47 33.34
C SER A 82 -16.36 -36.77 33.68
N PHE A 83 -16.85 -37.96 33.34
CA PHE A 83 -18.24 -38.29 33.64
C PHE A 83 -18.40 -38.75 35.09
N LYS A 84 -19.48 -38.33 35.72
CA LYS A 84 -19.75 -38.70 37.12
C LYS A 84 -19.82 -40.21 37.23
N GLU A 85 -20.40 -40.83 36.20
CA GLU A 85 -20.53 -42.27 36.14
C GLU A 85 -19.93 -42.75 34.82
N ALA A 86 -18.71 -43.26 34.94
CA ALA A 86 -17.90 -43.75 33.83
C ALA A 86 -18.61 -44.61 32.80
N LYS A 87 -18.10 -44.57 31.58
CA LYS A 87 -18.65 -45.34 30.47
C LYS A 87 -17.46 -46.07 29.88
N ILE A 88 -16.90 -46.97 30.68
CA ILE A 88 -15.71 -47.74 30.30
C ILE A 88 -15.80 -48.45 28.98
N GLU A 89 -16.97 -48.99 28.65
CA GLU A 89 -17.11 -49.68 27.36
C GLU A 89 -16.79 -48.70 26.25
N GLU A 90 -17.53 -47.59 26.24
CA GLU A 90 -17.36 -46.55 25.24
C GLU A 90 -15.94 -46.00 25.28
N HIS A 91 -15.44 -45.79 26.48
CA HIS A 91 -14.10 -45.27 26.68
C HIS A 91 -13.07 -46.12 25.92
N LEU A 92 -13.04 -47.43 26.22
CA LEU A 92 -12.12 -48.32 25.56
C LEU A 92 -12.36 -48.33 24.05
N ALA A 93 -13.63 -48.45 23.68
CA ALA A 93 -13.99 -48.45 22.26
C ALA A 93 -13.45 -47.21 21.58
N ARG A 94 -13.70 -46.06 22.21
CA ARG A 94 -13.25 -44.78 21.69
C ARG A 94 -11.73 -44.74 21.60
N LEU A 95 -11.06 -45.23 22.64
CA LEU A 95 -9.60 -45.24 22.62
C LEU A 95 -9.11 -46.03 21.41
N GLU A 96 -9.77 -47.14 21.14
CA GLU A 96 -9.40 -47.99 20.02
C GLU A 96 -9.72 -47.32 18.69
N ALA A 97 -10.94 -46.81 18.60
CA ALA A 97 -11.42 -46.16 17.40
C ALA A 97 -10.45 -45.06 16.99
N VAL A 98 -9.96 -44.31 17.97
CA VAL A 98 -9.04 -43.22 17.71
C VAL A 98 -7.68 -43.71 17.27
N THR A 99 -7.17 -44.75 17.93
CA THR A 99 -5.86 -45.30 17.57
C THR A 99 -5.91 -45.74 16.11
N LYS A 100 -6.89 -46.59 15.81
CA LYS A 100 -7.08 -47.10 14.46
C LYS A 100 -7.26 -45.98 13.45
N GLU A 101 -7.97 -44.93 13.85
CA GLU A 101 -8.20 -43.81 12.97
C GLU A 101 -6.92 -43.07 12.64
N ILE A 102 -5.96 -43.09 13.56
CA ILE A 102 -4.71 -42.39 13.31
C ILE A 102 -3.77 -43.21 12.42
N GLU A 103 -3.76 -44.53 12.62
CA GLU A 103 -2.90 -45.40 11.81
C GLU A 103 -3.32 -45.26 10.35
N THR A 104 -4.63 -45.27 10.13
CA THR A 104 -5.19 -45.18 8.79
C THR A 104 -5.24 -43.80 8.16
N THR A 105 -5.35 -42.75 8.97
CA THR A 105 -5.43 -41.40 8.40
C THR A 105 -4.30 -40.46 8.81
N GLY A 106 -3.65 -40.77 9.92
CA GLY A 106 -2.55 -39.94 10.39
C GLY A 106 -3.02 -38.70 11.14
N THR A 107 -4.17 -38.82 11.78
CA THR A 107 -4.78 -37.73 12.54
C THR A 107 -6.16 -38.22 12.93
N TYR A 108 -7.02 -37.34 13.40
CA TYR A 108 -8.36 -37.76 13.75
C TYR A 108 -9.36 -36.63 14.00
N GLN A 109 -10.63 -37.01 14.16
CA GLN A 109 -11.71 -36.08 14.39
C GLN A 109 -12.33 -36.25 15.77
N LEU A 110 -12.60 -35.13 16.42
CA LEU A 110 -13.21 -35.15 17.75
C LEU A 110 -14.72 -35.25 17.59
N THR A 111 -15.38 -35.93 18.52
CA THR A 111 -16.82 -36.00 18.47
C THR A 111 -17.21 -34.59 18.87
N LEU A 112 -18.38 -34.12 18.44
CA LEU A 112 -18.80 -32.77 18.79
C LEU A 112 -18.66 -32.57 20.29
N ASP A 113 -19.07 -33.58 21.05
CA ASP A 113 -18.99 -33.55 22.51
C ASP A 113 -17.60 -33.29 23.02
N GLU A 114 -16.64 -34.01 22.47
CA GLU A 114 -15.25 -33.87 22.87
C GLU A 114 -14.81 -32.46 22.56
N LEU A 115 -15.20 -31.97 21.38
CA LEU A 115 -14.83 -30.64 20.97
C LEU A 115 -15.40 -29.64 21.97
N ILE A 116 -16.67 -29.80 22.31
CA ILE A 116 -17.33 -28.91 23.25
C ILE A 116 -16.54 -28.95 24.56
N PHE A 117 -16.30 -30.17 25.04
CA PHE A 117 -15.56 -30.37 26.27
C PHE A 117 -14.18 -29.69 26.16
N ALA A 118 -13.54 -29.84 25.00
CA ALA A 118 -12.22 -29.28 24.76
C ALA A 118 -12.18 -27.77 24.87
N THR A 119 -13.19 -27.10 24.30
CA THR A 119 -13.24 -25.64 24.33
C THR A 119 -13.42 -25.07 25.73
N LYS A 120 -14.27 -25.71 26.54
CA LYS A 120 -14.52 -25.25 27.90
C LYS A 120 -13.30 -25.45 28.79
N MET A 121 -12.62 -26.59 28.62
CA MET A 121 -11.42 -26.89 29.40
C MET A 121 -10.31 -25.93 29.01
N ALA A 122 -10.15 -25.68 27.71
CA ALA A 122 -9.09 -24.76 27.30
C ALA A 122 -9.36 -23.40 27.96
N TRP A 123 -10.63 -23.00 28.00
CA TRP A 123 -11.03 -21.73 28.62
C TRP A 123 -10.67 -21.87 30.10
N ARG A 124 -11.10 -22.98 30.68
CA ARG A 124 -10.84 -23.29 32.07
C ARG A 124 -9.35 -23.19 32.40
N ASN A 125 -8.48 -23.47 31.41
CA ASN A 125 -7.03 -23.44 31.60
C ASN A 125 -6.34 -22.14 31.18
N ALA A 126 -7.09 -21.10 30.83
CA ALA A 126 -6.48 -19.83 30.42
C ALA A 126 -6.02 -19.10 31.68
N PRO A 127 -4.71 -19.07 31.92
CA PRO A 127 -4.22 -18.38 33.13
C PRO A 127 -4.54 -16.90 33.19
N ARG A 128 -4.69 -16.29 32.01
CA ARG A 128 -4.96 -14.86 31.93
C ARG A 128 -6.42 -14.43 31.88
N CYS A 129 -7.35 -15.37 32.03
CA CYS A 129 -8.78 -15.04 32.00
C CYS A 129 -9.42 -14.94 33.39
N ILE A 130 -10.02 -13.78 33.70
CA ILE A 130 -10.65 -13.55 34.99
C ILE A 130 -12.13 -13.96 35.06
N GLY A 131 -12.72 -14.24 33.88
CA GLY A 131 -14.14 -14.60 33.83
C GLY A 131 -14.40 -16.10 33.83
N ARG A 132 -13.37 -16.88 34.13
CA ARG A 132 -13.47 -18.33 34.12
C ARG A 132 -14.50 -18.99 35.01
N ILE A 133 -15.25 -18.22 35.80
CA ILE A 133 -16.26 -18.87 36.63
C ILE A 133 -17.42 -19.27 35.71
N GLN A 134 -17.43 -18.68 34.52
CA GLN A 134 -18.43 -18.93 33.47
C GLN A 134 -18.02 -20.05 32.51
N TRP A 135 -16.85 -20.66 32.73
CA TRP A 135 -16.29 -21.72 31.87
C TRP A 135 -17.20 -22.80 31.31
N SER A 136 -18.17 -23.26 32.10
CA SER A 136 -19.06 -24.31 31.62
C SER A 136 -20.21 -23.77 30.76
N ASN A 137 -20.36 -22.45 30.72
CA ASN A 137 -21.41 -21.84 29.94
C ASN A 137 -20.86 -21.31 28.62
N LEU A 138 -20.81 -22.16 27.60
CA LEU A 138 -20.26 -21.77 26.32
C LEU A 138 -20.98 -22.39 25.13
N GLN A 139 -21.33 -21.55 24.17
CA GLN A 139 -21.99 -22.00 22.96
C GLN A 139 -20.91 -22.38 21.95
N VAL A 140 -20.99 -23.58 21.41
CA VAL A 140 -20.00 -24.01 20.45
C VAL A 140 -20.55 -24.18 19.04
N PHE A 141 -19.95 -23.46 18.10
CA PHE A 141 -20.34 -23.52 16.70
C PHE A 141 -19.31 -24.36 15.96
N ASP A 142 -19.76 -25.47 15.42
CA ASP A 142 -18.91 -26.39 14.69
C ASP A 142 -18.76 -26.00 13.23
N ALA A 143 -17.64 -25.39 12.87
CA ALA A 143 -17.41 -24.99 11.49
C ALA A 143 -16.22 -25.75 10.94
N ARG A 144 -15.96 -26.91 11.52
CA ARG A 144 -14.83 -27.72 11.10
C ARG A 144 -14.90 -28.18 9.65
N ASN A 145 -16.10 -28.14 9.07
CA ASN A 145 -16.30 -28.56 7.68
C ASN A 145 -16.26 -27.39 6.72
N CYS A 146 -15.98 -26.20 7.26
CA CYS A 146 -15.90 -24.99 6.46
C CYS A 146 -14.87 -25.21 5.33
N SER A 147 -14.95 -24.41 4.27
CA SER A 147 -14.02 -24.58 3.17
C SER A 147 -13.55 -23.33 2.43
N THR A 148 -14.36 -22.27 2.42
CA THR A 148 -13.98 -21.04 1.72
C THR A 148 -14.00 -19.85 2.66
N ALA A 149 -13.31 -18.77 2.27
CA ALA A 149 -13.27 -17.55 3.10
C ALA A 149 -14.70 -17.04 3.29
N GLN A 150 -15.46 -17.09 2.21
CA GLN A 150 -16.85 -16.65 2.21
C GLN A 150 -17.66 -17.42 3.26
N GLU A 151 -17.45 -18.74 3.32
CA GLU A 151 -18.16 -19.55 4.30
C GLU A 151 -17.68 -19.19 5.69
N MET A 152 -16.42 -18.79 5.80
CA MET A 152 -15.83 -18.37 7.07
C MET A 152 -16.57 -17.13 7.51
N PHE A 153 -16.63 -16.16 6.60
CA PHE A 153 -17.30 -14.90 6.85
C PHE A 153 -18.74 -15.09 7.33
N GLN A 154 -19.47 -15.98 6.67
CA GLN A 154 -20.85 -16.23 7.05
C GLN A 154 -20.90 -16.77 8.48
N HIS A 155 -20.02 -17.73 8.78
CA HIS A 155 -19.94 -18.35 10.10
C HIS A 155 -19.65 -17.31 11.18
N ILE A 156 -18.72 -16.42 10.88
CA ILE A 156 -18.35 -15.39 11.82
C ILE A 156 -19.56 -14.49 12.09
N CYS A 157 -20.29 -14.14 11.04
CA CYS A 157 -21.47 -13.29 11.20
C CYS A 157 -22.51 -13.96 12.09
N ARG A 158 -22.69 -15.26 11.92
CA ARG A 158 -23.65 -16.00 12.71
C ARG A 158 -23.24 -15.88 14.18
N HIS A 159 -21.93 -16.00 14.41
CA HIS A 159 -21.36 -15.94 15.75
C HIS A 159 -21.63 -14.57 16.35
N ILE A 160 -21.24 -13.54 15.61
CA ILE A 160 -21.45 -12.18 16.06
C ILE A 160 -22.91 -11.93 16.42
N LEU A 161 -23.80 -12.30 15.51
CA LEU A 161 -25.22 -12.09 15.75
C LEU A 161 -25.70 -12.82 17.01
N TYR A 162 -25.33 -14.10 17.12
CA TYR A 162 -25.71 -14.91 18.28
C TYR A 162 -25.18 -14.37 19.59
N ALA A 163 -23.89 -14.07 19.62
CA ALA A 163 -23.21 -13.56 20.80
C ALA A 163 -23.78 -12.22 21.25
N THR A 164 -23.98 -11.31 20.30
CA THR A 164 -24.49 -9.98 20.61
C THR A 164 -25.85 -10.08 21.28
N ASN A 165 -26.68 -10.99 20.78
CA ASN A 165 -27.99 -11.23 21.36
C ASN A 165 -28.71 -9.93 21.75
N ASN A 166 -28.51 -8.88 20.95
CA ASN A 166 -29.16 -7.59 21.18
C ASN A 166 -28.80 -6.95 22.55
N GLY A 167 -27.58 -7.17 23.02
CA GLY A 167 -27.19 -6.59 24.30
C GLY A 167 -27.04 -7.59 25.44
N ASN A 168 -27.86 -8.64 25.42
CA ASN A 168 -27.76 -9.66 26.45
C ASN A 168 -26.70 -10.64 25.93
N ILE A 169 -25.44 -10.21 25.99
CA ILE A 169 -24.29 -10.98 25.50
C ILE A 169 -24.20 -12.42 25.96
N ARG A 170 -23.79 -13.26 25.01
CA ARG A 170 -23.63 -14.69 25.23
C ARG A 170 -22.26 -15.14 24.77
N SER A 171 -21.58 -15.91 25.62
CA SER A 171 -20.26 -16.42 25.31
C SER A 171 -20.40 -17.52 24.25
N ALA A 172 -19.49 -17.51 23.28
CA ALA A 172 -19.54 -18.51 22.23
C ALA A 172 -18.21 -18.60 21.54
N ILE A 173 -18.01 -19.73 20.86
CA ILE A 173 -16.78 -19.96 20.13
C ILE A 173 -17.11 -20.69 18.83
N THR A 174 -16.39 -20.34 17.78
CA THR A 174 -16.56 -20.95 16.47
C THR A 174 -15.29 -21.68 16.08
N VAL A 175 -15.37 -22.99 16.02
CA VAL A 175 -14.23 -23.82 15.68
C VAL A 175 -14.15 -24.13 14.20
N PHE A 176 -13.10 -23.66 13.55
CA PHE A 176 -12.92 -23.94 12.14
C PHE A 176 -12.07 -25.21 11.97
N PRO A 177 -11.82 -25.63 10.72
CA PRO A 177 -11.02 -26.85 10.47
C PRO A 177 -9.67 -26.91 11.19
N GLN A 178 -9.37 -28.06 11.78
CA GLN A 178 -8.10 -28.24 12.50
C GLN A 178 -6.96 -28.28 11.53
N ARG A 179 -5.77 -27.85 11.97
CA ARG A 179 -4.58 -27.85 11.13
C ARG A 179 -4.25 -29.26 10.66
N SER A 180 -3.96 -29.40 9.38
CA SER A 180 -3.66 -30.70 8.82
C SER A 180 -2.17 -30.92 8.66
N ASP A 181 -1.64 -30.28 7.62
CA ASP A 181 -0.23 -30.37 7.30
C ASP A 181 0.42 -29.05 7.63
N GLY A 182 -0.40 -28.10 8.07
CA GLY A 182 0.14 -26.79 8.40
C GLY A 182 0.24 -25.89 7.19
N LYS A 183 -0.07 -26.41 6.01
CA LYS A 183 0.00 -25.59 4.80
C LYS A 183 -1.39 -25.10 4.34
N HIS A 184 -2.43 -25.56 5.02
CA HIS A 184 -3.82 -25.20 4.73
C HIS A 184 -4.49 -24.71 6.00
N ASP A 185 -3.93 -23.65 6.59
CA ASP A 185 -4.44 -23.08 7.82
C ASP A 185 -5.56 -22.06 7.64
N PHE A 186 -6.62 -22.22 8.43
CA PHE A 186 -7.71 -21.26 8.44
C PHE A 186 -7.23 -20.26 9.50
N ARG A 187 -7.21 -18.98 9.15
CA ARG A 187 -6.75 -17.98 10.08
C ARG A 187 -7.50 -16.66 9.94
N LEU A 188 -7.78 -16.02 11.07
CA LEU A 188 -8.40 -14.71 11.07
C LEU A 188 -7.19 -13.83 11.34
N TRP A 189 -6.93 -12.87 10.47
CA TRP A 189 -5.79 -12.01 10.63
C TRP A 189 -6.03 -10.90 11.65
N ASN A 190 -7.29 -10.71 12.02
CA ASN A 190 -7.68 -9.70 13.00
C ASN A 190 -7.39 -10.18 14.43
N SER A 191 -7.05 -9.25 15.32
CA SER A 191 -6.80 -9.61 16.71
C SER A 191 -8.14 -9.88 17.36
N GLN A 192 -9.13 -9.05 17.03
CA GLN A 192 -10.50 -9.17 17.55
C GLN A 192 -11.51 -9.16 16.39
N LEU A 193 -12.69 -9.73 16.62
CA LEU A 193 -13.72 -9.72 15.59
C LEU A 193 -14.11 -8.26 15.32
N ILE A 194 -14.40 -7.51 16.38
CA ILE A 194 -14.80 -6.10 16.26
C ILE A 194 -13.66 -5.21 16.77
N ARG A 195 -13.19 -4.28 15.95
CA ARG A 195 -12.09 -3.40 16.34
C ARG A 195 -12.11 -2.16 15.43
N TYR A 196 -11.73 -1.00 15.97
CA TYR A 196 -11.72 0.23 15.19
C TYR A 196 -10.39 0.47 14.48
N ALA A 197 -10.47 1.15 13.35
CA ALA A 197 -9.30 1.47 12.54
C ALA A 197 -8.55 2.68 13.07
N GLY A 198 -7.29 2.81 12.67
CA GLY A 198 -6.48 3.93 13.08
C GLY A 198 -5.90 4.62 11.85
N TYR A 199 -6.06 5.93 11.75
CA TYR A 199 -5.56 6.67 10.59
C TYR A 199 -4.51 7.71 10.88
N GLN A 200 -3.50 7.71 10.03
CA GLN A 200 -2.41 8.68 10.11
C GLN A 200 -2.86 9.84 9.20
N MET A 201 -3.54 10.83 9.77
CA MET A 201 -4.04 11.96 9.00
C MET A 201 -2.96 12.80 8.31
N PRO A 202 -3.38 13.62 7.32
CA PRO A 202 -2.51 14.51 6.54
C PRO A 202 -1.83 15.51 7.45
N ASP A 203 -2.61 16.13 8.34
CA ASP A 203 -2.07 17.10 9.27
C ASP A 203 -1.10 16.45 10.26
N GLY A 204 -0.84 15.15 10.06
CA GLY A 204 0.07 14.43 10.93
C GLY A 204 -0.53 13.85 12.20
N THR A 205 -1.81 14.13 12.45
CA THR A 205 -2.46 13.60 13.63
C THR A 205 -3.01 12.19 13.39
N ILE A 206 -3.24 11.46 14.47
CA ILE A 206 -3.80 10.11 14.40
C ILE A 206 -5.29 10.22 14.69
N ARG A 207 -6.09 9.48 13.94
CA ARG A 207 -7.52 9.50 14.14
C ARG A 207 -7.95 8.06 14.36
N GLY A 208 -8.78 7.84 15.38
CA GLY A 208 -9.23 6.49 15.68
C GLY A 208 -8.31 5.79 16.66
N ASP A 209 -8.19 4.47 16.51
CA ASP A 209 -7.36 3.65 17.40
C ASP A 209 -5.90 3.59 17.00
N ALA A 210 -5.09 4.45 17.60
CA ALA A 210 -3.66 4.51 17.30
C ALA A 210 -2.97 3.16 17.25
N ALA A 211 -3.51 2.18 17.99
CA ALA A 211 -2.90 0.86 18.03
C ALA A 211 -3.11 0.00 16.79
N THR A 212 -4.13 0.31 16.00
CA THR A 212 -4.40 -0.47 14.79
C THR A 212 -3.90 0.19 13.51
N LEU A 213 -3.01 1.16 13.62
CA LEU A 213 -2.48 1.85 12.45
C LEU A 213 -2.00 0.91 11.35
N GLU A 214 -1.08 0.02 11.71
CA GLU A 214 -0.54 -0.94 10.75
C GLU A 214 -1.60 -1.81 10.12
N PHE A 215 -2.35 -2.52 10.96
CA PHE A 215 -3.39 -3.40 10.46
C PHE A 215 -4.40 -2.66 9.60
N THR A 216 -4.67 -1.39 9.93
CA THR A 216 -5.62 -0.62 9.14
C THR A 216 -5.02 -0.47 7.75
N GLN A 217 -3.74 -0.16 7.70
CA GLN A 217 -3.04 0.02 6.43
C GLN A 217 -3.13 -1.24 5.61
N LEU A 218 -2.94 -2.38 6.24
CA LEU A 218 -3.00 -3.65 5.55
C LEU A 218 -4.35 -3.80 4.86
N CYS A 219 -5.42 -3.55 5.60
CA CYS A 219 -6.77 -3.65 5.07
C CYS A 219 -6.91 -2.79 3.82
N ILE A 220 -6.37 -1.58 3.88
CA ILE A 220 -6.42 -0.69 2.75
C ILE A 220 -5.63 -1.37 1.64
N ASP A 221 -4.40 -1.77 1.94
CA ASP A 221 -3.57 -2.44 0.95
C ASP A 221 -4.32 -3.59 0.28
N LEU A 222 -5.21 -4.24 1.02
CA LEU A 222 -5.95 -5.36 0.45
C LEU A 222 -7.26 -4.94 -0.22
N GLY A 223 -7.45 -3.64 -0.39
CA GLY A 223 -8.65 -3.17 -1.05
C GLY A 223 -9.70 -2.43 -0.25
N TRP A 224 -9.73 -2.64 1.07
CA TRP A 224 -10.72 -1.99 1.93
C TRP A 224 -10.67 -0.47 1.78
N LYS A 225 -11.84 0.15 1.71
CA LYS A 225 -11.93 1.61 1.58
C LYS A 225 -11.95 2.29 2.93
N PRO A 226 -10.89 3.07 3.25
CA PRO A 226 -10.77 3.79 4.52
C PRO A 226 -11.83 4.86 4.63
N ARG A 227 -12.48 4.97 5.79
CA ARG A 227 -13.53 5.97 5.96
C ARG A 227 -13.09 7.14 6.84
N TYR A 228 -11.84 7.12 7.29
CA TYR A 228 -11.26 8.17 8.13
C TYR A 228 -12.13 8.69 9.28
N GLY A 229 -12.83 7.78 9.94
CA GLY A 229 -13.67 8.16 11.06
C GLY A 229 -12.91 7.88 12.34
N ARG A 230 -13.49 8.25 13.48
CA ARG A 230 -12.83 8.01 14.76
C ARG A 230 -13.18 6.60 15.27
N PHE A 231 -14.30 6.07 14.80
CA PHE A 231 -14.78 4.75 15.21
C PHE A 231 -15.27 3.88 14.04
N ASP A 232 -14.38 3.63 13.09
CA ASP A 232 -14.72 2.80 11.93
C ASP A 232 -14.35 1.37 12.21
N VAL A 233 -15.35 0.49 12.17
CA VAL A 233 -15.11 -0.93 12.40
C VAL A 233 -14.30 -1.50 11.23
N LEU A 234 -13.17 -2.11 11.56
CA LEU A 234 -12.30 -2.70 10.56
C LEU A 234 -12.97 -3.92 9.95
N PRO A 235 -12.51 -4.34 8.76
CA PRO A 235 -13.10 -5.49 8.11
C PRO A 235 -12.43 -6.77 8.54
N LEU A 236 -13.11 -7.89 8.32
CA LEU A 236 -12.56 -9.18 8.62
C LEU A 236 -11.61 -9.50 7.49
N VAL A 237 -10.45 -10.03 7.84
CA VAL A 237 -9.41 -10.40 6.88
C VAL A 237 -9.28 -11.90 7.08
N LEU A 238 -9.99 -12.66 6.27
CA LEU A 238 -9.97 -14.11 6.43
C LEU A 238 -9.10 -14.92 5.48
N GLN A 239 -8.49 -15.96 6.04
CA GLN A 239 -7.63 -16.87 5.30
C GLN A 239 -8.24 -18.24 5.46
N ALA A 240 -8.53 -18.92 4.35
CA ALA A 240 -9.11 -20.27 4.41
C ALA A 240 -8.23 -21.26 3.67
N ASP A 241 -8.19 -22.49 4.16
CA ASP A 241 -7.38 -23.54 3.55
C ASP A 241 -5.99 -23.03 3.18
N GLY A 242 -5.43 -22.20 4.05
CA GLY A 242 -4.10 -21.66 3.83
C GLY A 242 -3.92 -20.74 2.64
N GLN A 243 -5.00 -20.29 2.03
CA GLN A 243 -4.87 -19.40 0.87
C GLN A 243 -4.80 -17.92 1.27
N ASP A 244 -4.37 -17.07 0.35
CA ASP A 244 -4.27 -15.63 0.64
C ASP A 244 -5.56 -15.12 1.29
N PRO A 245 -5.44 -14.15 2.21
CA PRO A 245 -6.59 -13.57 2.92
C PRO A 245 -7.50 -12.67 2.10
N GLU A 246 -8.80 -12.80 2.33
CA GLU A 246 -9.78 -11.98 1.63
C GLU A 246 -10.40 -11.02 2.63
N VAL A 247 -10.72 -9.81 2.16
CA VAL A 247 -11.31 -8.77 3.01
C VAL A 247 -12.85 -8.76 2.95
N PHE A 248 -13.49 -8.70 4.11
CA PHE A 248 -14.95 -8.67 4.18
C PHE A 248 -15.41 -7.64 5.21
N GLU A 249 -16.18 -6.64 4.79
CA GLU A 249 -16.67 -5.65 5.74
C GLU A 249 -17.76 -6.29 6.60
N ILE A 250 -17.82 -5.92 7.88
CA ILE A 250 -18.85 -6.49 8.73
C ILE A 250 -20.14 -5.69 8.57
N PRO A 251 -21.27 -6.39 8.35
CA PRO A 251 -22.56 -5.69 8.19
C PRO A 251 -22.86 -4.90 9.46
N PRO A 252 -22.94 -3.57 9.34
CA PRO A 252 -23.21 -2.62 10.42
C PRO A 252 -24.35 -2.99 11.34
N ASP A 253 -25.40 -3.62 10.79
CA ASP A 253 -26.53 -4.02 11.61
C ASP A 253 -26.09 -4.98 12.71
N LEU A 254 -25.03 -5.73 12.39
CA LEU A 254 -24.47 -6.73 13.28
C LEU A 254 -23.60 -6.18 14.40
N VAL A 255 -23.15 -4.95 14.26
CA VAL A 255 -22.30 -4.36 15.27
C VAL A 255 -23.04 -3.44 16.23
N LEU A 256 -23.28 -3.94 17.44
CA LEU A 256 -23.94 -3.17 18.47
C LEU A 256 -22.87 -2.31 19.15
N GLU A 257 -23.23 -1.06 19.44
CA GLU A 257 -22.30 -0.13 20.08
C GLU A 257 -23.01 0.59 21.21
N VAL A 258 -22.24 1.12 22.15
CA VAL A 258 -22.75 1.86 23.30
C VAL A 258 -22.15 3.25 23.25
N THR A 259 -22.99 4.29 23.29
CA THR A 259 -22.45 5.64 23.28
C THR A 259 -22.23 6.01 24.74
N MET A 260 -21.13 6.71 25.00
CA MET A 260 -20.78 7.05 26.38
C MET A 260 -21.41 8.32 26.97
N GLU A 261 -22.07 8.12 28.10
CA GLU A 261 -22.73 9.19 28.85
C GLU A 261 -22.30 9.05 30.30
N HIS A 262 -22.18 10.19 30.99
CA HIS A 262 -21.83 10.13 32.39
C HIS A 262 -23.11 10.42 33.18
N PRO A 263 -23.33 9.70 34.28
CA PRO A 263 -24.53 9.93 35.07
C PRO A 263 -24.70 11.33 35.62
N LYS A 264 -23.60 12.09 35.70
CA LYS A 264 -23.65 13.46 36.22
C LYS A 264 -23.07 14.56 35.32
N TYR A 265 -21.92 14.30 34.70
CA TYR A 265 -21.31 15.30 33.83
C TYR A 265 -21.94 15.26 32.44
N GLU A 266 -22.91 16.13 32.21
CA GLU A 266 -23.60 16.19 30.92
C GLU A 266 -22.64 16.46 29.78
N TRP A 267 -21.51 17.09 30.10
CA TRP A 267 -20.50 17.40 29.10
C TRP A 267 -19.77 16.15 28.67
N PHE A 268 -19.94 15.06 29.40
CA PHE A 268 -19.24 13.84 29.05
C PHE A 268 -19.60 13.36 27.65
N GLN A 269 -20.90 13.39 27.34
CA GLN A 269 -21.36 12.95 26.02
C GLN A 269 -20.78 13.83 24.92
N GLU A 270 -20.47 15.09 25.26
CA GLU A 270 -19.90 16.02 24.30
C GLU A 270 -18.56 15.50 23.82
N LEU A 271 -18.02 14.52 24.55
CA LEU A 271 -16.74 13.93 24.19
C LEU A 271 -16.93 13.07 22.95
N GLY A 272 -18.20 12.76 22.66
CA GLY A 272 -18.53 11.97 21.50
C GLY A 272 -17.85 10.60 21.41
N LEU A 273 -17.92 9.84 22.50
CA LEU A 273 -17.30 8.51 22.55
C LEU A 273 -18.33 7.39 22.54
N LYS A 274 -17.91 6.23 22.06
CA LYS A 274 -18.74 5.04 22.03
C LYS A 274 -17.79 3.84 21.96
N TRP A 275 -18.31 2.63 22.08
CA TRP A 275 -17.47 1.44 21.98
C TRP A 275 -18.34 0.26 21.63
N TYR A 276 -17.78 -0.74 20.96
CA TYR A 276 -18.56 -1.92 20.59
C TYR A 276 -18.85 -2.76 21.83
N ALA A 277 -19.97 -3.47 21.80
CA ALA A 277 -20.38 -4.29 22.93
C ALA A 277 -19.78 -5.67 22.95
N LEU A 278 -19.25 -6.13 21.82
CA LEU A 278 -18.72 -7.48 21.75
C LEU A 278 -17.20 -7.61 21.81
N PRO A 279 -16.69 -8.25 22.87
CA PRO A 279 -15.26 -8.47 23.06
C PRO A 279 -15.04 -9.89 22.56
N ALA A 280 -14.44 -10.01 21.39
CA ALA A 280 -14.19 -11.32 20.81
C ALA A 280 -12.75 -11.43 20.37
N VAL A 281 -12.05 -12.42 20.92
CA VAL A 281 -10.65 -12.68 20.58
C VAL A 281 -10.67 -13.53 19.31
N ALA A 282 -10.02 -13.05 18.26
CA ALA A 282 -10.05 -13.74 16.98
C ALA A 282 -8.85 -14.50 16.50
N ASN A 283 -7.67 -14.18 17.02
CA ASN A 283 -6.46 -14.83 16.52
C ASN A 283 -5.75 -15.92 17.31
N MET A 284 -6.44 -16.59 18.22
CA MET A 284 -5.77 -17.64 18.99
C MET A 284 -5.98 -19.07 18.49
N LEU A 285 -5.03 -19.94 18.81
CA LEU A 285 -5.06 -21.35 18.42
C LEU A 285 -5.50 -22.26 19.56
N LEU A 286 -6.42 -23.18 19.28
CA LEU A 286 -6.87 -24.12 20.30
C LEU A 286 -6.10 -25.42 20.16
N GLU A 287 -5.38 -25.80 21.20
CA GLU A 287 -4.62 -27.03 21.18
C GLU A 287 -5.39 -28.02 22.03
N VAL A 288 -5.66 -29.19 21.48
CA VAL A 288 -6.37 -30.20 22.22
C VAL A 288 -5.99 -31.58 21.71
N GLY A 289 -5.71 -32.48 22.66
CA GLY A 289 -5.32 -33.85 22.35
C GLY A 289 -4.39 -34.06 21.16
N GLY A 290 -3.48 -33.14 20.91
CA GLY A 290 -2.56 -33.31 19.80
C GLY A 290 -2.99 -32.60 18.54
N LEU A 291 -4.24 -32.15 18.52
CA LEU A 291 -4.78 -31.45 17.36
C LEU A 291 -4.70 -29.96 17.58
N GLU A 292 -4.50 -29.21 16.51
CA GLU A 292 -4.39 -27.77 16.60
C GLU A 292 -5.43 -27.08 15.74
N PHE A 293 -6.11 -26.07 16.30
CA PHE A 293 -7.11 -25.30 15.55
C PHE A 293 -6.67 -23.84 15.48
N PRO A 294 -6.01 -23.46 14.36
CA PRO A 294 -5.50 -22.11 14.10
C PRO A 294 -6.56 -21.03 13.97
N ALA A 295 -7.82 -21.45 13.89
CA ALA A 295 -8.94 -20.50 13.75
C ALA A 295 -10.11 -20.92 14.64
N CYS A 296 -10.29 -20.19 15.73
CA CYS A 296 -11.36 -20.46 16.69
C CYS A 296 -11.70 -19.17 17.44
N PRO A 297 -12.36 -18.23 16.77
CA PRO A 297 -12.70 -17.00 17.48
C PRO A 297 -13.68 -17.28 18.63
N PHE A 298 -13.55 -16.54 19.72
CA PHE A 298 -14.46 -16.73 20.86
C PHE A 298 -14.72 -15.40 21.54
N ASN A 299 -15.76 -15.37 22.38
CA ASN A 299 -16.11 -14.14 23.09
C ASN A 299 -16.84 -14.40 24.40
N GLY A 300 -16.77 -13.41 25.28
CA GLY A 300 -17.47 -13.44 26.56
C GLY A 300 -18.12 -12.07 26.55
N TRP A 301 -18.12 -11.35 27.66
CA TRP A 301 -18.66 -10.00 27.70
C TRP A 301 -17.60 -9.14 28.34
N TYR A 302 -17.69 -7.84 28.14
CA TYR A 302 -16.71 -6.90 28.67
C TYR A 302 -16.65 -6.73 30.18
N MET A 303 -15.47 -6.34 30.67
CA MET A 303 -15.26 -6.01 32.07
C MET A 303 -14.95 -4.52 31.92
N GLY A 304 -15.73 -3.70 32.61
CA GLY A 304 -15.59 -2.25 32.52
C GLY A 304 -14.23 -1.62 32.30
N THR A 305 -13.23 -2.04 33.06
CA THR A 305 -11.90 -1.45 32.96
C THR A 305 -11.19 -1.58 31.61
N GLU A 306 -11.58 -2.57 30.82
CA GLU A 306 -10.96 -2.78 29.51
C GLU A 306 -11.16 -1.55 28.63
N ILE A 307 -12.38 -1.02 28.67
CA ILE A 307 -12.76 0.14 27.89
C ILE A 307 -12.42 1.44 28.62
N GLY A 308 -12.99 1.60 29.80
CA GLY A 308 -12.77 2.80 30.57
C GLY A 308 -11.32 3.12 30.89
N VAL A 309 -10.49 2.08 31.04
CA VAL A 309 -9.09 2.30 31.39
C VAL A 309 -8.09 2.08 30.27
N ARG A 310 -8.10 0.88 29.70
CA ARG A 310 -7.15 0.57 28.66
C ARG A 310 -7.46 1.28 27.34
N ASP A 311 -8.63 1.01 26.77
CA ASP A 311 -9.02 1.63 25.49
C ASP A 311 -9.02 3.15 25.52
N PHE A 312 -9.66 3.72 26.54
CA PHE A 312 -9.75 5.17 26.65
C PHE A 312 -8.60 5.91 27.32
N CYS A 313 -7.90 5.26 28.25
CA CYS A 313 -6.83 5.97 28.94
C CYS A 313 -5.38 5.65 28.58
N ASP A 314 -5.14 4.54 27.89
CA ASP A 314 -3.77 4.22 27.50
C ASP A 314 -3.35 5.39 26.60
N THR A 315 -2.15 5.90 26.79
CA THR A 315 -1.67 7.02 25.99
C THR A 315 -1.51 6.64 24.53
N GLN A 316 -1.28 5.35 24.26
CA GLN A 316 -1.09 4.86 22.90
C GLN A 316 -2.38 4.30 22.27
N ARG A 317 -3.51 4.69 22.86
CA ARG A 317 -4.82 4.29 22.37
C ARG A 317 -5.62 5.59 22.25
N TYR A 318 -6.87 5.61 22.70
CA TYR A 318 -7.64 6.83 22.59
C TYR A 318 -7.15 7.98 23.48
N ASN A 319 -6.31 7.66 24.47
CA ASN A 319 -5.69 8.67 25.33
C ASN A 319 -6.55 9.91 25.68
N ILE A 320 -7.68 9.71 26.36
CA ILE A 320 -8.57 10.82 26.69
C ILE A 320 -8.42 11.36 28.12
N LEU A 321 -7.50 10.80 28.89
CA LEU A 321 -7.34 11.21 30.29
C LEU A 321 -7.17 12.70 30.59
N GLU A 322 -6.30 13.39 29.87
CA GLU A 322 -6.11 14.82 30.13
C GLU A 322 -7.35 15.69 29.80
N GLU A 323 -8.00 15.40 28.68
CA GLU A 323 -9.16 16.16 28.29
C GLU A 323 -10.27 16.02 29.34
N VAL A 324 -10.43 14.82 29.89
CA VAL A 324 -11.45 14.59 30.90
C VAL A 324 -11.00 15.29 32.19
N GLY A 325 -9.69 15.35 32.39
CA GLY A 325 -9.17 16.02 33.58
C GLY A 325 -9.60 17.48 33.55
N ARG A 326 -9.33 18.15 32.43
CA ARG A 326 -9.69 19.57 32.27
C ARG A 326 -11.17 19.77 32.41
N ARG A 327 -11.96 18.96 31.72
CA ARG A 327 -13.40 19.07 31.80
C ARG A 327 -13.87 19.04 33.25
N MET A 328 -13.18 18.29 34.10
CA MET A 328 -13.54 18.19 35.51
C MET A 328 -12.98 19.34 36.33
N GLY A 329 -12.14 20.15 35.72
CA GLY A 329 -11.55 21.29 36.42
C GLY A 329 -10.42 20.92 37.37
N LEU A 330 -9.76 19.80 37.13
CA LEU A 330 -8.69 19.36 37.98
C LEU A 330 -7.35 19.98 37.58
N GLU A 331 -6.42 19.99 38.53
CA GLU A 331 -5.08 20.55 38.31
C GLU A 331 -4.28 19.57 37.49
N THR A 332 -4.65 19.44 36.23
CA THR A 332 -4.01 18.53 35.30
C THR A 332 -2.52 18.79 35.09
N HIS A 333 -2.02 19.84 35.74
CA HIS A 333 -0.60 20.19 35.62
C HIS A 333 0.19 19.77 36.83
N THR A 334 -0.49 19.24 37.84
CA THR A 334 0.18 18.81 39.07
C THR A 334 -0.06 17.33 39.35
N LEU A 335 0.92 16.50 39.00
CA LEU A 335 0.82 15.05 39.18
C LEU A 335 0.34 14.60 40.55
N ALA A 336 0.98 15.14 41.59
CA ALA A 336 0.66 14.80 42.97
C ALA A 336 -0.75 15.18 43.41
N SER A 337 -1.49 15.86 42.53
CA SER A 337 -2.86 16.27 42.86
C SER A 337 -3.74 15.05 42.70
N LEU A 338 -3.17 14.02 42.08
CA LEU A 338 -3.84 12.76 41.81
C LEU A 338 -5.05 12.93 40.89
N TRP A 339 -4.99 13.91 40.00
CA TRP A 339 -6.11 14.18 39.10
C TRP A 339 -6.35 12.98 38.19
N LYS A 340 -5.28 12.30 37.78
CA LYS A 340 -5.43 11.15 36.92
C LYS A 340 -6.33 10.09 37.54
N ASP A 341 -6.19 9.88 38.86
CA ASP A 341 -7.02 8.89 39.55
C ASP A 341 -8.48 9.32 39.61
N ARG A 342 -8.70 10.62 39.74
CA ARG A 342 -10.06 11.16 39.78
C ARG A 342 -10.72 11.01 38.43
N ALA A 343 -9.98 11.31 37.38
CA ALA A 343 -10.48 11.25 36.01
C ALA A 343 -10.84 9.83 35.57
N VAL A 344 -9.88 8.94 35.64
CA VAL A 344 -10.11 7.57 35.19
C VAL A 344 -11.31 6.92 35.87
N THR A 345 -11.56 7.26 37.12
CA THR A 345 -12.68 6.67 37.82
C THR A 345 -14.01 7.14 37.25
N GLU A 346 -14.07 8.42 36.90
CA GLU A 346 -15.30 8.97 36.32
C GLU A 346 -15.49 8.36 34.93
N ILE A 347 -14.40 8.12 34.21
CA ILE A 347 -14.49 7.50 32.90
C ILE A 347 -15.04 6.07 33.11
N ASN A 348 -14.50 5.34 34.08
CA ASN A 348 -14.96 3.98 34.37
C ASN A 348 -16.44 3.99 34.69
N VAL A 349 -16.87 5.00 35.47
CA VAL A 349 -18.27 5.10 35.85
C VAL A 349 -19.15 5.34 34.62
N ALA A 350 -18.68 6.19 33.70
CA ALA A 350 -19.43 6.49 32.48
C ALA A 350 -19.64 5.18 31.70
N VAL A 351 -18.54 4.46 31.49
CA VAL A 351 -18.59 3.19 30.76
C VAL A 351 -19.64 2.27 31.36
N LEU A 352 -19.53 1.98 32.66
CA LEU A 352 -20.49 1.09 33.32
C LEU A 352 -21.91 1.64 33.21
N HIS A 353 -22.07 2.93 33.49
CA HIS A 353 -23.37 3.57 33.45
C HIS A 353 -24.03 3.49 32.07
N SER A 354 -23.24 3.70 31.02
CA SER A 354 -23.74 3.66 29.66
C SER A 354 -24.16 2.25 29.23
N PHE A 355 -23.33 1.26 29.52
CA PHE A 355 -23.68 -0.11 29.16
C PHE A 355 -24.98 -0.49 29.86
N GLN A 356 -25.06 -0.19 31.15
CA GLN A 356 -26.26 -0.52 31.90
C GLN A 356 -27.48 0.19 31.34
N LYS A 357 -27.34 1.50 31.15
CA LYS A 357 -28.44 2.28 30.63
C LYS A 357 -28.93 1.67 29.31
N GLN A 358 -28.00 1.33 28.43
CA GLN A 358 -28.39 0.76 27.15
C GLN A 358 -28.63 -0.74 27.14
N ASN A 359 -28.73 -1.31 28.34
CA ASN A 359 -28.98 -2.75 28.51
C ASN A 359 -28.03 -3.70 27.80
N VAL A 360 -26.73 -3.45 27.94
CA VAL A 360 -25.72 -4.28 27.33
C VAL A 360 -24.88 -4.89 28.44
N THR A 361 -24.85 -6.22 28.51
CA THR A 361 -24.08 -6.91 29.54
C THR A 361 -22.64 -6.38 29.71
N ILE A 362 -22.27 -6.17 30.97
CA ILE A 362 -20.93 -5.71 31.31
C ILE A 362 -20.74 -5.96 32.81
N MET A 363 -19.50 -6.17 33.24
CA MET A 363 -19.23 -6.39 34.66
C MET A 363 -18.12 -5.48 35.14
N ASP A 364 -18.30 -4.89 36.33
CA ASP A 364 -17.29 -4.02 36.91
C ASP A 364 -16.15 -4.93 37.39
N HIS A 365 -14.95 -4.35 37.52
CA HIS A 365 -13.79 -5.14 37.93
C HIS A 365 -13.80 -5.65 39.37
N HIS A 366 -14.50 -4.94 40.24
CA HIS A 366 -14.60 -5.35 41.63
C HIS A 366 -15.39 -6.64 41.71
N THR A 367 -16.56 -6.63 41.08
CA THR A 367 -17.42 -7.80 41.05
C THR A 367 -16.70 -8.93 40.33
N ALA A 368 -15.96 -8.60 39.28
CA ALA A 368 -15.24 -9.61 38.53
C ALA A 368 -14.22 -10.30 39.41
N SER A 369 -13.46 -9.52 40.16
CA SER A 369 -12.43 -10.06 41.05
C SER A 369 -12.97 -11.05 42.07
N GLU A 370 -14.07 -10.70 42.76
CA GLU A 370 -14.66 -11.59 43.77
C GLU A 370 -15.14 -12.87 43.11
N SER A 371 -15.65 -12.72 41.90
CA SER A 371 -16.13 -13.83 41.11
C SER A 371 -15.00 -14.84 40.86
N PHE A 372 -13.85 -14.32 40.42
CA PHE A 372 -12.71 -15.17 40.16
C PHE A 372 -12.21 -15.86 41.42
N MET A 373 -12.19 -15.13 42.52
CA MET A 373 -11.75 -15.70 43.78
C MET A 373 -12.65 -16.86 44.13
N LYS A 374 -13.96 -16.66 43.98
CA LYS A 374 -14.91 -17.73 44.26
C LYS A 374 -14.57 -18.91 43.36
N HIS A 375 -14.32 -18.62 42.09
CA HIS A 375 -13.99 -19.66 41.11
C HIS A 375 -12.70 -20.42 41.43
N MET A 376 -11.63 -19.70 41.74
CA MET A 376 -10.34 -20.32 42.06
C MET A 376 -10.51 -21.25 43.24
N GLN A 377 -11.34 -20.81 44.18
CA GLN A 377 -11.67 -21.58 45.37
C GLN A 377 -12.28 -22.89 44.85
N ASN A 378 -13.28 -22.77 43.98
CA ASN A 378 -13.95 -23.94 43.40
C ASN A 378 -12.95 -24.84 42.70
N GLU A 379 -12.03 -24.23 41.98
CA GLU A 379 -11.03 -24.98 41.23
C GLU A 379 -10.07 -25.81 42.06
N TYR A 380 -9.58 -25.25 43.15
CA TYR A 380 -8.66 -26.00 44.00
C TYR A 380 -9.39 -27.18 44.64
N ARG A 381 -10.62 -26.96 45.07
CA ARG A 381 -11.41 -28.03 45.68
C ARG A 381 -11.65 -29.11 44.62
N ALA A 382 -12.14 -28.68 43.46
CA ALA A 382 -12.44 -29.58 42.35
C ALA A 382 -11.25 -30.36 41.82
N ARG A 383 -10.23 -29.68 41.31
CA ARG A 383 -9.10 -30.42 40.78
C ARG A 383 -7.72 -30.07 41.32
N GLY A 384 -7.69 -29.50 42.52
CA GLY A 384 -6.41 -29.17 43.15
C GLY A 384 -5.51 -28.16 42.47
N GLY A 385 -6.11 -27.14 41.87
CA GLY A 385 -5.31 -26.13 41.22
C GLY A 385 -6.11 -25.25 40.29
N CYS A 386 -5.44 -24.21 39.82
CA CYS A 386 -6.04 -23.25 38.91
C CYS A 386 -4.92 -22.37 38.38
N PRO A 387 -4.45 -22.63 37.16
CA PRO A 387 -3.38 -21.83 36.57
C PRO A 387 -3.79 -20.35 36.51
N ALA A 388 -3.03 -19.49 37.17
CA ALA A 388 -3.38 -18.08 37.18
C ALA A 388 -2.19 -17.15 36.95
N ASP A 389 -2.39 -16.16 36.10
CA ASP A 389 -1.33 -15.19 35.78
C ASP A 389 -1.68 -13.89 36.49
N TRP A 390 -1.18 -13.74 37.71
CA TRP A 390 -1.42 -12.58 38.55
C TRP A 390 -1.35 -11.27 37.77
N ILE A 391 -0.30 -11.13 36.99
CA ILE A 391 -0.06 -9.92 36.22
C ILE A 391 -1.21 -9.54 35.30
N TRP A 392 -1.95 -10.53 34.83
CA TRP A 392 -3.07 -10.26 33.95
C TRP A 392 -4.38 -10.20 34.71
N LEU A 393 -4.50 -11.01 35.77
CA LEU A 393 -5.74 -11.06 36.54
C LEU A 393 -6.04 -9.84 37.40
N VAL A 394 -5.01 -9.12 37.81
CA VAL A 394 -5.23 -7.93 38.61
C VAL A 394 -5.61 -6.73 37.72
N PRO A 395 -6.83 -6.17 37.91
CA PRO A 395 -7.31 -5.02 37.13
C PRO A 395 -6.30 -3.89 37.00
N PRO A 396 -6.36 -3.14 35.87
CA PRO A 396 -5.46 -2.01 35.59
C PRO A 396 -5.59 -0.82 36.53
N VAL A 397 -6.60 -0.84 37.40
CA VAL A 397 -6.80 0.21 38.41
C VAL A 397 -7.27 -0.45 39.70
N SER A 398 -7.00 0.24 40.80
CA SER A 398 -7.37 -0.21 42.15
C SER A 398 -6.98 -1.65 42.48
N GLY A 399 -5.74 -2.00 42.14
CA GLY A 399 -5.22 -3.33 42.36
C GLY A 399 -5.51 -3.97 43.71
N SER A 400 -4.86 -3.48 44.77
CA SER A 400 -5.06 -4.05 46.09
C SER A 400 -6.44 -3.80 46.69
N ILE A 401 -7.28 -3.05 45.99
CA ILE A 401 -8.62 -2.84 46.51
C ILE A 401 -9.41 -4.08 46.17
N THR A 402 -8.91 -4.84 45.20
CA THR A 402 -9.55 -6.09 44.78
C THR A 402 -8.88 -7.24 45.52
N PRO A 403 -9.59 -8.34 45.76
CA PRO A 403 -9.00 -9.49 46.48
C PRO A 403 -7.97 -10.31 45.69
N VAL A 404 -8.04 -10.26 44.36
CA VAL A 404 -7.10 -11.01 43.55
C VAL A 404 -5.64 -10.57 43.78
N PHE A 405 -5.48 -9.32 44.17
CA PHE A 405 -4.16 -8.75 44.43
C PHE A 405 -3.44 -9.43 45.58
N HIS A 406 -4.17 -9.81 46.63
CA HIS A 406 -3.57 -10.44 47.81
C HIS A 406 -3.46 -11.96 47.75
N GLN A 407 -3.76 -12.52 46.58
CA GLN A 407 -3.73 -13.96 46.38
C GLN A 407 -2.47 -14.45 45.64
N GLU A 408 -1.72 -15.37 46.24
CA GLU A 408 -0.55 -15.89 45.55
C GLU A 408 -1.10 -16.86 44.52
N MET A 409 -0.48 -16.88 43.34
CA MET A 409 -0.95 -17.72 42.24
C MET A 409 0.14 -18.47 41.50
N LEU A 410 -0.23 -19.64 41.01
CA LEU A 410 0.68 -20.48 40.25
C LEU A 410 0.28 -20.41 38.79
N ASN A 411 1.25 -20.13 37.94
CA ASN A 411 0.97 -20.01 36.53
C ASN A 411 1.60 -21.14 35.71
N TYR A 412 0.78 -22.00 35.15
CA TYR A 412 1.30 -23.10 34.34
C TYR A 412 0.40 -23.40 33.15
N VAL A 413 0.97 -24.09 32.17
CA VAL A 413 0.28 -24.45 30.95
C VAL A 413 -0.19 -25.89 30.89
N LEU A 414 -1.49 -26.10 30.99
CA LEU A 414 -2.05 -27.44 30.91
C LEU A 414 -2.48 -27.66 29.46
N SER A 415 -3.41 -28.60 29.25
CA SER A 415 -3.94 -28.90 27.92
C SER A 415 -5.31 -29.55 28.14
N PRO A 416 -6.34 -29.16 27.35
CA PRO A 416 -6.37 -28.16 26.26
C PRO A 416 -5.89 -26.76 26.66
N PHE A 417 -5.52 -25.98 25.66
CA PHE A 417 -5.01 -24.65 25.92
C PHE A 417 -5.24 -23.72 24.73
N TYR A 418 -5.29 -22.41 24.98
CA TYR A 418 -5.45 -21.41 23.91
C TYR A 418 -4.14 -20.65 23.80
N TYR A 419 -3.39 -20.92 22.73
CA TYR A 419 -2.10 -20.26 22.53
C TYR A 419 -2.16 -19.05 21.62
N TYR A 420 -1.10 -18.24 21.66
CA TYR A 420 -0.95 -17.09 20.79
C TYR A 420 -0.35 -17.75 19.54
N GLN A 421 -0.29 -17.02 18.44
CA GLN A 421 0.29 -17.54 17.21
C GLN A 421 1.17 -16.44 16.63
N ILE A 422 2.05 -16.76 15.70
CA ILE A 422 2.87 -15.72 15.09
C ILE A 422 1.97 -14.90 14.18
N GLU A 423 2.06 -13.57 14.26
CA GLU A 423 1.22 -12.75 13.41
C GLU A 423 1.36 -13.35 12.02
N PRO A 424 0.24 -13.80 11.44
CA PRO A 424 0.16 -14.42 10.11
C PRO A 424 0.85 -13.70 8.96
N TRP A 425 0.72 -12.38 8.91
CA TRP A 425 1.35 -11.62 7.84
C TRP A 425 2.85 -11.71 7.91
N LYS A 426 3.36 -12.35 8.96
CA LYS A 426 4.79 -12.50 9.11
C LYS A 426 5.27 -13.86 8.61
N THR A 427 4.37 -14.84 8.56
CA THR A 427 4.73 -16.19 8.11
C THR A 427 3.90 -16.73 6.95
N HIS A 428 3.30 -15.84 6.17
CA HIS A 428 2.47 -16.28 5.06
C HIS A 428 3.16 -16.15 3.72
N ILE A 429 3.20 -17.24 2.97
CA ILE A 429 3.79 -17.23 1.64
C ILE A 429 2.65 -16.86 0.71
N TRP A 430 2.66 -15.64 0.18
CA TRP A 430 1.58 -15.24 -0.70
C TRP A 430 1.54 -16.05 -1.97
N GLN A 431 0.33 -16.38 -2.42
CA GLN A 431 0.15 -17.16 -3.63
C GLN A 431 0.07 -16.17 -4.81
N GLN B 12 8.84 7.85 -57.53
CA GLN B 12 8.68 7.05 -56.27
C GLN B 12 8.87 7.92 -55.03
N TYR B 13 7.93 8.84 -54.84
CA TYR B 13 7.91 9.77 -53.71
C TYR B 13 6.45 10.07 -53.39
N VAL B 14 6.18 10.76 -52.28
CA VAL B 14 4.80 11.11 -51.97
C VAL B 14 4.66 12.62 -51.94
N ARG B 15 3.59 13.08 -52.58
CA ARG B 15 3.28 14.49 -52.72
C ARG B 15 2.53 15.01 -51.49
N ILE B 16 3.11 16.00 -50.84
CA ILE B 16 2.55 16.62 -49.63
C ILE B 16 2.18 18.09 -49.91
N LYS B 17 0.97 18.49 -49.55
CA LYS B 17 0.55 19.86 -49.81
C LYS B 17 0.29 20.76 -48.60
N ASN B 18 0.67 22.02 -48.74
CA ASN B 18 0.42 23.00 -47.69
C ASN B 18 -0.70 23.86 -48.24
N TRP B 19 -1.90 23.73 -47.70
CA TRP B 19 -3.03 24.48 -48.20
C TRP B 19 -3.02 25.96 -47.87
N GLY B 20 -2.11 26.37 -47.00
CA GLY B 20 -2.04 27.78 -46.67
C GLY B 20 -1.33 28.53 -47.78
N SER B 21 -0.20 27.97 -48.23
CA SER B 21 0.62 28.58 -49.26
C SER B 21 0.59 27.87 -50.61
N GLY B 22 -0.23 26.83 -50.75
CA GLY B 22 -0.29 26.11 -52.01
C GLY B 22 0.98 25.32 -52.33
N GLU B 23 2.06 25.59 -51.61
CA GLU B 23 3.32 24.91 -51.86
C GLU B 23 3.23 23.38 -51.73
N ILE B 24 4.04 22.70 -52.55
CA ILE B 24 4.09 21.25 -52.60
C ILE B 24 5.48 20.70 -52.29
N LEU B 25 5.52 19.48 -51.75
CA LEU B 25 6.75 18.80 -51.38
C LEU B 25 6.65 17.33 -51.77
N HIS B 26 7.81 16.68 -51.97
CA HIS B 26 7.85 15.28 -52.34
C HIS B 26 8.60 14.48 -51.30
N ASP B 27 7.90 13.62 -50.57
CA ASP B 27 8.54 12.84 -49.54
C ASP B 27 9.13 11.54 -50.07
N THR B 28 10.45 11.44 -50.02
CA THR B 28 11.13 10.24 -50.48
C THR B 28 11.67 9.50 -49.27
N LEU B 29 11.86 10.23 -48.17
CA LEU B 29 12.39 9.68 -46.93
C LEU B 29 11.59 8.56 -46.34
N HIS B 30 10.28 8.62 -46.48
CA HIS B 30 9.42 7.58 -45.92
C HIS B 30 9.84 6.18 -46.34
N HIS B 31 10.65 6.09 -47.39
CA HIS B 31 11.11 4.81 -47.89
C HIS B 31 12.03 4.09 -46.92
N LYS B 32 12.61 4.83 -45.96
CA LYS B 32 13.52 4.23 -44.99
C LYS B 32 12.76 3.82 -43.72
N ALA B 33 11.43 3.89 -43.77
CA ALA B 33 10.58 3.59 -42.63
C ALA B 33 10.46 2.12 -42.17
N THR B 34 9.69 1.95 -41.07
CA THR B 34 9.34 0.70 -40.34
C THR B 34 9.80 0.70 -38.88
N SER B 35 8.82 0.51 -37.98
CA SER B 35 9.00 0.49 -36.52
C SER B 35 9.87 -0.66 -35.99
N SER B 43 -8.65 -1.47 -38.96
CA SER B 43 -8.78 -0.14 -39.59
C SER B 43 -7.49 0.70 -39.43
N CYS B 44 -7.66 2.02 -39.45
CA CYS B 44 -6.52 2.95 -39.30
C CYS B 44 -6.52 3.53 -37.89
N LEU B 45 -5.47 3.20 -37.14
CA LEU B 45 -5.30 3.65 -35.76
C LEU B 45 -5.18 5.18 -35.69
N GLY B 46 -6.24 5.87 -36.12
CA GLY B 46 -6.27 7.32 -36.15
C GLY B 46 -5.55 8.04 -35.01
N SER B 47 -6.30 8.40 -33.98
CA SER B 47 -5.71 9.11 -32.86
C SER B 47 -5.46 8.24 -31.65
N ILE B 48 -4.73 7.15 -31.81
CA ILE B 48 -4.40 6.29 -30.68
C ILE B 48 -3.17 6.93 -30.05
N MET B 49 -3.13 7.05 -28.73
CA MET B 49 -1.98 7.68 -28.12
C MET B 49 -0.77 6.75 -28.04
N ASN B 50 -1.01 5.50 -27.65
CA ASN B 50 0.07 4.52 -27.53
C ASN B 50 -0.17 3.30 -28.37
N PRO B 51 -0.09 3.44 -29.71
CA PRO B 51 -0.31 2.25 -30.55
C PRO B 51 0.92 1.36 -30.37
N LYS B 52 0.78 0.06 -30.63
CA LYS B 52 1.91 -0.84 -30.48
C LYS B 52 3.05 -0.48 -31.41
N SER B 53 2.75 0.20 -32.49
CA SER B 53 3.78 0.57 -33.46
C SER B 53 4.81 1.53 -32.88
N LEU B 54 4.41 2.31 -31.89
CA LEU B 54 5.30 3.27 -31.23
C LEU B 54 5.82 2.75 -29.90
N THR B 55 5.69 1.45 -29.71
CA THR B 55 6.13 0.82 -28.48
C THR B 55 7.17 -0.27 -28.72
N ARG B 56 8.15 -0.32 -27.85
CA ARG B 56 9.21 -1.32 -27.92
C ARG B 56 9.20 -1.92 -26.52
N GLY B 57 8.52 -3.05 -26.39
CA GLY B 57 8.39 -3.74 -25.11
C GLY B 57 9.61 -4.49 -24.59
N PRO B 58 9.47 -5.21 -23.46
CA PRO B 58 10.58 -5.96 -22.87
C PRO B 58 11.03 -7.23 -23.62
N ARG B 59 12.14 -7.80 -23.16
CA ARG B 59 12.72 -9.03 -23.70
C ARG B 59 13.17 -9.87 -22.50
N ASP B 60 13.23 -11.18 -22.67
CA ASP B 60 13.70 -12.08 -21.61
C ASP B 60 14.92 -12.81 -22.15
N LYS B 61 15.21 -12.55 -23.43
CA LYS B 61 16.34 -13.13 -24.14
C LYS B 61 16.94 -12.03 -25.03
N PRO B 62 18.25 -12.11 -25.30
CA PRO B 62 18.92 -11.11 -26.13
C PRO B 62 18.36 -11.00 -27.54
N THR B 63 18.69 -9.91 -28.22
CA THR B 63 18.21 -9.71 -29.57
C THR B 63 18.91 -10.64 -30.56
N PRO B 64 18.13 -11.40 -31.35
CA PRO B 64 18.61 -12.34 -32.34
C PRO B 64 19.67 -11.77 -33.28
N LEU B 65 20.82 -12.42 -33.33
CA LEU B 65 21.92 -11.98 -34.19
C LEU B 65 21.41 -11.67 -35.58
N GLU B 66 20.50 -12.51 -36.06
CA GLU B 66 19.92 -12.35 -37.39
C GLU B 66 19.19 -11.03 -37.52
N GLU B 67 18.56 -10.62 -36.43
CA GLU B 67 17.79 -9.39 -36.36
C GLU B 67 18.72 -8.21 -36.05
N LEU B 68 19.51 -8.38 -35.00
CA LEU B 68 20.45 -7.37 -34.54
C LEU B 68 21.48 -6.92 -35.57
N LEU B 69 22.13 -7.89 -36.21
CA LEU B 69 23.17 -7.58 -37.17
C LEU B 69 22.87 -6.65 -38.35
N PRO B 70 21.76 -6.89 -39.09
CA PRO B 70 21.43 -6.03 -40.23
C PRO B 70 21.13 -4.59 -39.84
N HIS B 71 20.63 -4.39 -38.63
CA HIS B 71 20.32 -3.05 -38.13
C HIS B 71 21.60 -2.28 -37.85
N ALA B 72 22.55 -2.96 -37.20
CA ALA B 72 23.84 -2.37 -36.85
C ALA B 72 24.55 -1.83 -38.07
N ILE B 73 24.60 -2.66 -39.11
CA ILE B 73 25.25 -2.28 -40.36
C ILE B 73 24.58 -1.05 -40.96
N GLU B 74 23.25 -1.03 -40.92
CA GLU B 74 22.49 0.10 -41.46
C GLU B 74 22.89 1.36 -40.71
N PHE B 75 22.88 1.26 -39.39
CA PHE B 75 23.25 2.40 -38.57
C PHE B 75 24.64 2.92 -38.90
N ILE B 76 25.64 2.03 -38.86
CA ILE B 76 27.00 2.43 -39.16
C ILE B 76 27.05 3.10 -40.52
N ASN B 77 26.35 2.54 -41.50
CA ASN B 77 26.36 3.14 -42.82
C ASN B 77 25.76 4.53 -42.73
N GLN B 78 24.70 4.65 -41.92
CA GLN B 78 24.02 5.92 -41.72
C GLN B 78 24.95 6.93 -41.06
N TYR B 79 25.66 6.47 -40.03
CA TYR B 79 26.59 7.30 -39.28
C TYR B 79 27.70 7.88 -40.15
N TYR B 80 28.48 7.01 -40.79
CA TYR B 80 29.59 7.42 -41.64
C TYR B 80 29.08 8.19 -42.86
N GLY B 81 27.83 7.97 -43.21
CA GLY B 81 27.29 8.67 -44.36
C GLY B 81 26.96 10.10 -44.02
N SER B 82 27.00 10.44 -42.73
CA SER B 82 26.70 11.79 -42.31
C SER B 82 27.86 12.74 -42.46
N PHE B 83 29.09 12.21 -42.42
CA PHE B 83 30.28 13.04 -42.56
C PHE B 83 30.28 13.78 -43.88
N LYS B 84 30.63 15.07 -43.86
CA LYS B 84 30.67 15.83 -45.10
C LYS B 84 31.89 15.33 -45.86
N GLU B 85 32.88 14.87 -45.09
CA GLU B 85 34.13 14.34 -45.63
C GLU B 85 34.14 12.85 -45.31
N ALA B 86 33.70 12.03 -46.26
CA ALA B 86 33.67 10.59 -46.03
C ALA B 86 35.02 10.02 -45.64
N LYS B 87 35.01 9.17 -44.62
CA LYS B 87 36.21 8.53 -44.14
C LYS B 87 36.00 7.04 -44.39
N ILE B 88 35.92 6.72 -45.68
CA ILE B 88 35.68 5.38 -46.21
C ILE B 88 36.36 4.22 -45.49
N GLU B 89 37.63 4.38 -45.20
CA GLU B 89 38.38 3.34 -44.53
C GLU B 89 37.84 2.96 -43.17
N GLU B 90 37.67 3.96 -42.32
CA GLU B 90 37.15 3.72 -40.97
C GLU B 90 35.76 3.14 -41.07
N HIS B 91 35.05 3.58 -42.10
CA HIS B 91 33.69 3.12 -42.34
C HIS B 91 33.76 1.60 -42.51
N LEU B 92 34.58 1.15 -43.44
CA LEU B 92 34.74 -0.28 -43.68
C LEU B 92 35.30 -0.96 -42.43
N ALA B 93 36.37 -0.41 -41.87
CA ALA B 93 36.96 -0.96 -40.68
C ALA B 93 35.91 -1.12 -39.60
N ARG B 94 35.18 -0.04 -39.36
CA ARG B 94 34.12 -0.02 -38.35
C ARG B 94 33.05 -1.06 -38.69
N LEU B 95 32.62 -1.06 -39.95
CA LEU B 95 31.61 -2.02 -40.37
C LEU B 95 32.08 -3.42 -39.99
N GLU B 96 33.30 -3.75 -40.39
CA GLU B 96 33.89 -5.05 -40.10
C GLU B 96 33.95 -5.35 -38.61
N ALA B 97 34.54 -4.43 -37.86
CA ALA B 97 34.68 -4.56 -36.42
C ALA B 97 33.36 -4.89 -35.74
N VAL B 98 32.33 -4.11 -36.06
CA VAL B 98 31.01 -4.30 -35.48
C VAL B 98 30.41 -5.64 -35.90
N THR B 99 30.57 -5.97 -37.18
CA THR B 99 30.05 -7.23 -37.71
C THR B 99 30.64 -8.36 -36.90
N LYS B 100 31.95 -8.32 -36.73
CA LYS B 100 32.63 -9.37 -35.98
C LYS B 100 32.27 -9.31 -34.51
N GLU B 101 32.26 -8.11 -33.93
CA GLU B 101 31.93 -8.01 -32.51
C GLU B 101 30.58 -8.64 -32.24
N ILE B 102 29.60 -8.36 -33.10
CA ILE B 102 28.24 -8.91 -32.95
C ILE B 102 28.20 -10.43 -33.14
N GLU B 103 28.85 -10.92 -34.18
CA GLU B 103 28.88 -12.35 -34.46
C GLU B 103 29.57 -13.14 -33.34
N THR B 104 30.55 -12.53 -32.69
CA THR B 104 31.28 -13.21 -31.62
C THR B 104 30.76 -12.96 -30.20
N THR B 105 30.24 -11.76 -29.95
CA THR B 105 29.74 -11.42 -28.62
C THR B 105 28.24 -11.51 -28.53
N GLY B 106 27.56 -11.31 -29.65
CA GLY B 106 26.11 -11.35 -29.66
C GLY B 106 25.49 -9.96 -29.57
N THR B 107 26.34 -8.98 -29.32
CA THR B 107 25.90 -7.59 -29.23
C THR B 107 27.09 -6.73 -29.60
N TYR B 108 27.02 -5.44 -29.27
CA TYR B 108 28.12 -4.56 -29.57
C TYR B 108 27.98 -3.23 -28.87
N GLN B 109 29.08 -2.49 -28.82
CA GLN B 109 29.11 -1.19 -28.17
C GLN B 109 29.34 -0.09 -29.18
N LEU B 110 28.68 1.04 -28.95
CA LEU B 110 28.80 2.21 -29.82
C LEU B 110 29.95 3.09 -29.34
N THR B 111 30.56 3.84 -30.25
CA THR B 111 31.62 4.75 -29.85
C THR B 111 30.83 5.91 -29.25
N LEU B 112 31.46 6.69 -28.37
CA LEU B 112 30.75 7.81 -27.77
C LEU B 112 30.20 8.70 -28.88
N ASP B 113 30.97 8.89 -29.94
CA ASP B 113 30.53 9.74 -31.04
C ASP B 113 29.32 9.18 -31.79
N GLU B 114 29.22 7.86 -31.88
CA GLU B 114 28.09 7.24 -32.57
C GLU B 114 26.85 7.40 -31.72
N LEU B 115 27.02 7.31 -30.41
CA LEU B 115 25.92 7.46 -29.46
C LEU B 115 25.37 8.88 -29.50
N ILE B 116 26.26 9.86 -29.54
CA ILE B 116 25.84 11.25 -29.59
C ILE B 116 25.04 11.50 -30.84
N PHE B 117 25.51 10.95 -31.96
CA PHE B 117 24.86 11.09 -33.24
C PHE B 117 23.48 10.44 -33.22
N ALA B 118 23.40 9.27 -32.59
CA ALA B 118 22.15 8.53 -32.49
C ALA B 118 21.06 9.28 -31.72
N THR B 119 21.44 9.90 -30.59
CA THR B 119 20.46 10.64 -29.77
C THR B 119 19.87 11.84 -30.53
N LYS B 120 20.68 12.51 -31.32
CA LYS B 120 20.23 13.67 -32.10
C LYS B 120 19.37 13.22 -33.28
N MET B 121 19.74 12.11 -33.91
CA MET B 121 18.95 11.59 -35.03
C MET B 121 17.63 11.07 -34.49
N ALA B 122 17.66 10.44 -33.30
CA ALA B 122 16.44 9.93 -32.67
C ALA B 122 15.48 11.09 -32.40
N TRP B 123 16.04 12.22 -31.99
CA TRP B 123 15.23 13.41 -31.71
C TRP B 123 14.71 13.89 -33.06
N ARG B 124 15.62 14.03 -34.01
CA ARG B 124 15.30 14.46 -35.36
C ARG B 124 14.16 13.64 -35.98
N ASN B 125 14.10 12.35 -35.62
CA ASN B 125 13.08 11.43 -36.12
C ASN B 125 11.84 11.32 -35.24
N ALA B 126 11.67 12.22 -34.28
CA ALA B 126 10.51 12.16 -33.38
C ALA B 126 9.28 12.82 -34.02
N PRO B 127 8.39 12.02 -34.59
CA PRO B 127 7.18 12.51 -35.25
C PRO B 127 6.33 13.44 -34.42
N ARG B 128 6.35 13.25 -33.10
CA ARG B 128 5.52 14.06 -32.24
C ARG B 128 6.18 15.29 -31.60
N CYS B 129 7.43 15.59 -31.96
CA CYS B 129 8.12 16.75 -31.39
C CYS B 129 8.12 17.98 -32.32
N ILE B 130 7.57 19.08 -31.81
CA ILE B 130 7.50 20.30 -32.60
C ILE B 130 8.76 21.15 -32.45
N GLY B 131 9.63 20.77 -31.52
CA GLY B 131 10.83 21.56 -31.31
C GLY B 131 12.06 21.05 -32.02
N ARG B 132 11.86 20.21 -33.03
CA ARG B 132 12.98 19.63 -33.73
C ARG B 132 13.94 20.52 -34.51
N ILE B 133 13.66 21.81 -34.62
CA ILE B 133 14.62 22.67 -35.32
C ILE B 133 15.89 22.76 -34.48
N GLN B 134 15.77 22.33 -33.23
CA GLN B 134 16.87 22.34 -32.27
C GLN B 134 17.60 21.01 -32.19
N TRP B 135 17.13 20.02 -32.95
CA TRP B 135 17.67 18.67 -32.90
C TRP B 135 19.18 18.45 -32.83
N SER B 136 20.00 19.33 -33.39
CA SER B 136 21.44 19.10 -33.33
C SER B 136 22.12 19.76 -32.11
N ASN B 137 21.34 20.45 -31.29
CA ASN B 137 21.87 21.10 -30.11
C ASN B 137 21.40 20.33 -28.88
N LEU B 138 22.17 19.31 -28.51
CA LEU B 138 21.83 18.47 -27.39
C LEU B 138 23.06 18.04 -26.62
N GLN B 139 22.98 18.13 -25.29
CA GLN B 139 24.08 17.73 -24.43
C GLN B 139 23.86 16.27 -24.07
N VAL B 140 24.89 15.47 -24.31
CA VAL B 140 24.81 14.04 -24.04
C VAL B 140 25.62 13.58 -22.83
N PHE B 141 24.94 12.97 -21.86
CA PHE B 141 25.61 12.43 -20.68
C PHE B 141 25.69 10.91 -20.81
N ASP B 142 26.91 10.41 -21.01
CA ASP B 142 27.16 8.98 -21.16
C ASP B 142 27.25 8.31 -19.80
N ALA B 143 26.17 7.66 -19.37
CA ALA B 143 26.17 6.98 -18.08
C ALA B 143 26.00 5.49 -18.33
N ARG B 144 26.52 5.02 -19.46
CA ARG B 144 26.42 3.61 -19.81
C ARG B 144 27.19 2.70 -18.87
N ASN B 145 28.18 3.26 -18.17
CA ASN B 145 29.00 2.49 -17.23
C ASN B 145 28.38 2.54 -15.82
N CYS B 146 27.16 3.07 -15.73
CA CYS B 146 26.45 3.18 -14.45
C CYS B 146 26.09 1.77 -13.96
N SER B 147 25.98 1.59 -12.65
CA SER B 147 25.66 0.25 -12.14
C SER B 147 24.77 0.11 -10.91
N THR B 148 24.45 1.21 -10.25
CA THR B 148 23.58 1.13 -9.07
C THR B 148 22.54 2.23 -9.11
N ALA B 149 21.42 2.01 -8.43
CA ALA B 149 20.34 3.00 -8.38
C ALA B 149 20.87 4.34 -7.87
N GLN B 150 21.77 4.29 -6.88
CA GLN B 150 22.36 5.49 -6.31
C GLN B 150 23.15 6.26 -7.38
N GLU B 151 23.85 5.53 -8.24
CA GLU B 151 24.62 6.18 -9.31
C GLU B 151 23.67 6.77 -10.33
N MET B 152 22.56 6.09 -10.58
CA MET B 152 21.55 6.58 -11.52
C MET B 152 21.09 7.92 -11.01
N PHE B 153 20.67 7.90 -9.76
CA PHE B 153 20.20 9.08 -9.06
C PHE B 153 21.17 10.24 -9.18
N GLN B 154 22.46 9.94 -9.09
CA GLN B 154 23.46 10.98 -9.18
C GLN B 154 23.57 11.55 -10.57
N HIS B 155 23.46 10.69 -11.58
CA HIS B 155 23.54 11.16 -12.95
C HIS B 155 22.34 12.02 -13.26
N ILE B 156 21.19 11.59 -12.77
CA ILE B 156 19.94 12.29 -12.96
C ILE B 156 20.00 13.70 -12.35
N CYS B 157 20.62 13.82 -11.18
CA CYS B 157 20.75 15.11 -10.53
C CYS B 157 21.66 16.00 -11.36
N ARG B 158 22.69 15.39 -11.91
CA ARG B 158 23.68 16.09 -12.74
C ARG B 158 22.96 16.70 -13.95
N HIS B 159 22.11 15.89 -14.58
CA HIS B 159 21.33 16.28 -15.74
C HIS B 159 20.42 17.46 -15.40
N ILE B 160 19.59 17.27 -14.38
CA ILE B 160 18.66 18.31 -13.95
C ILE B 160 19.38 19.62 -13.71
N LEU B 161 20.49 19.56 -12.99
CA LEU B 161 21.25 20.76 -12.69
C LEU B 161 21.75 21.40 -13.97
N TYR B 162 22.37 20.61 -14.82
CA TYR B 162 22.90 21.10 -16.09
C TYR B 162 21.80 21.73 -16.94
N ALA B 163 20.72 20.97 -17.13
CA ALA B 163 19.60 21.38 -17.94
C ALA B 163 18.87 22.62 -17.40
N THR B 164 18.60 22.65 -16.10
CA THR B 164 17.88 23.79 -15.50
C THR B 164 18.67 25.05 -15.72
N ASN B 165 19.97 24.94 -15.45
CA ASN B 165 20.90 26.03 -15.65
C ASN B 165 20.38 27.40 -15.18
N ASN B 166 19.65 27.39 -14.07
CA ASN B 166 19.15 28.63 -13.48
C ASN B 166 18.15 29.40 -14.36
N GLY B 167 17.31 28.68 -15.10
CA GLY B 167 16.34 29.36 -15.93
C GLY B 167 16.67 29.40 -17.41
N ASN B 168 17.96 29.36 -17.75
CA ASN B 168 18.36 29.38 -19.15
C ASN B 168 18.47 27.90 -19.56
N ILE B 169 17.31 27.27 -19.75
CA ILE B 169 17.23 25.84 -20.09
C ILE B 169 18.11 25.37 -21.23
N ARG B 170 18.73 24.22 -21.02
CA ARG B 170 19.61 23.60 -22.02
C ARG B 170 19.11 22.18 -22.22
N SER B 171 18.97 21.77 -23.47
CA SER B 171 18.51 20.43 -23.80
C SER B 171 19.62 19.44 -23.50
N ALA B 172 19.27 18.31 -22.88
CA ALA B 172 20.25 17.30 -22.55
C ALA B 172 19.58 15.94 -22.52
N ILE B 173 20.38 14.90 -22.42
CA ILE B 173 19.88 13.55 -22.34
C ILE B 173 20.95 12.75 -21.65
N THR B 174 20.53 11.79 -20.82
CA THR B 174 21.47 10.93 -20.13
C THR B 174 21.18 9.49 -20.53
N VAL B 175 22.18 8.86 -21.13
CA VAL B 175 22.06 7.48 -21.60
C VAL B 175 22.59 6.47 -20.59
N PHE B 176 21.71 5.62 -20.07
CA PHE B 176 22.11 4.60 -19.13
C PHE B 176 22.42 3.31 -19.92
N PRO B 177 22.98 2.28 -19.25
CA PRO B 177 23.34 1.00 -19.88
C PRO B 177 22.32 0.37 -20.84
N GLN B 178 22.77 0.07 -22.05
CA GLN B 178 21.91 -0.56 -23.05
C GLN B 178 21.43 -1.92 -22.57
N ARG B 179 20.25 -2.30 -23.03
CA ARG B 179 19.65 -3.58 -22.66
C ARG B 179 20.54 -4.73 -23.12
N SER B 180 20.69 -5.73 -22.25
CA SER B 180 21.51 -6.88 -22.59
C SER B 180 20.65 -8.11 -22.87
N ASP B 181 20.24 -8.81 -21.82
CA ASP B 181 19.43 -10.01 -21.96
C ASP B 181 17.96 -9.69 -21.74
N GLY B 182 17.67 -8.43 -21.40
CA GLY B 182 16.30 -8.03 -21.18
C GLY B 182 15.87 -8.23 -19.75
N LYS B 183 16.72 -8.86 -18.95
CA LYS B 183 16.40 -9.11 -17.54
C LYS B 183 17.14 -8.16 -16.59
N HIS B 184 18.00 -7.30 -17.12
CA HIS B 184 18.77 -6.37 -16.31
C HIS B 184 18.60 -4.93 -16.80
N ASP B 185 17.36 -4.56 -17.10
CA ASP B 185 17.07 -3.23 -17.61
C ASP B 185 17.17 -2.10 -16.57
N PHE B 186 17.70 -0.97 -17.02
CA PHE B 186 17.74 0.22 -16.17
C PHE B 186 16.44 0.89 -16.57
N ARG B 187 15.68 1.35 -15.60
CA ARG B 187 14.42 1.98 -15.91
C ARG B 187 14.06 3.09 -14.92
N LEU B 188 13.54 4.19 -15.43
CA LEU B 188 13.08 5.24 -14.54
C LEU B 188 11.58 4.93 -14.58
N TRP B 189 10.97 4.81 -13.41
CA TRP B 189 9.55 4.50 -13.37
C TRP B 189 8.67 5.73 -13.55
N ASN B 190 9.26 6.91 -13.40
CA ASN B 190 8.53 8.16 -13.57
C ASN B 190 8.31 8.43 -15.06
N SER B 191 7.29 9.23 -15.38
CA SER B 191 7.01 9.61 -16.75
C SER B 191 7.94 10.75 -17.10
N GLN B 192 8.07 11.68 -16.16
CA GLN B 192 8.93 12.85 -16.32
C GLN B 192 9.87 12.91 -15.12
N LEU B 193 10.97 13.66 -15.22
CA LEU B 193 11.87 13.77 -14.09
C LEU B 193 11.20 14.57 -12.97
N ILE B 194 10.62 15.72 -13.32
CA ILE B 194 9.92 16.57 -12.36
C ILE B 194 8.41 16.42 -12.62
N ARG B 195 7.64 16.18 -11.58
CA ARG B 195 6.19 16.00 -11.71
C ARG B 195 5.54 16.13 -10.32
N TYR B 196 4.32 16.63 -10.26
CA TYR B 196 3.64 16.80 -8.98
C TYR B 196 2.77 15.61 -8.58
N ALA B 197 2.67 15.41 -7.27
CA ALA B 197 1.89 14.30 -6.74
C ALA B 197 0.41 14.64 -6.67
N GLY B 198 -0.40 13.58 -6.60
CA GLY B 198 -1.84 13.74 -6.51
C GLY B 198 -2.33 12.89 -5.35
N TYR B 199 -3.13 13.49 -4.47
CA TYR B 199 -3.63 12.76 -3.31
C TYR B 199 -5.12 12.79 -3.25
N GLN B 200 -5.72 11.65 -2.91
CA GLN B 200 -7.16 11.61 -2.76
C GLN B 200 -7.43 11.84 -1.27
N MET B 201 -7.66 13.10 -0.91
CA MET B 201 -7.90 13.48 0.47
C MET B 201 -9.02 12.69 1.14
N PRO B 202 -9.06 12.72 2.49
CA PRO B 202 -10.07 12.01 3.27
C PRO B 202 -11.49 12.43 2.90
N ASP B 203 -11.68 13.73 2.71
CA ASP B 203 -12.99 14.30 2.35
C ASP B 203 -13.46 13.95 0.93
N GLY B 204 -12.73 13.06 0.25
CA GLY B 204 -13.12 12.66 -1.09
C GLY B 204 -12.51 13.46 -2.22
N THR B 205 -12.14 14.70 -1.94
CA THR B 205 -11.55 15.54 -2.96
C THR B 205 -10.15 15.06 -3.32
N ILE B 206 -9.65 15.56 -4.44
CA ILE B 206 -8.31 15.24 -4.92
C ILE B 206 -7.46 16.49 -4.74
N ARG B 207 -6.21 16.31 -4.35
CA ARG B 207 -5.34 17.43 -4.17
C ARG B 207 -4.14 17.22 -5.06
N GLY B 208 -3.70 18.28 -5.72
CA GLY B 208 -2.57 18.19 -6.61
C GLY B 208 -2.97 17.78 -8.00
N ASP B 209 -2.07 17.03 -8.65
CA ASP B 209 -2.27 16.56 -10.02
C ASP B 209 -3.03 15.23 -10.06
N ALA B 210 -4.33 15.32 -10.30
CA ALA B 210 -5.19 14.14 -10.34
C ALA B 210 -4.70 13.04 -11.27
N ALA B 211 -3.84 13.40 -12.23
CA ALA B 211 -3.34 12.41 -13.16
C ALA B 211 -2.24 11.49 -12.63
N THR B 212 -1.67 11.84 -11.47
CA THR B 212 -0.62 11.03 -10.88
C THR B 212 -1.07 10.35 -9.59
N LEU B 213 -2.38 10.17 -9.42
CA LEU B 213 -2.91 9.51 -8.23
C LEU B 213 -2.27 8.15 -8.01
N GLU B 214 -2.36 7.28 -9.01
CA GLU B 214 -1.77 5.97 -8.88
C GLU B 214 -0.28 6.01 -8.54
N PHE B 215 0.50 6.64 -9.41
CA PHE B 215 1.95 6.70 -9.18
C PHE B 215 2.34 7.26 -7.82
N THR B 216 1.60 8.27 -7.34
CA THR B 216 1.91 8.85 -6.05
C THR B 216 1.75 7.77 -4.99
N GLN B 217 0.74 6.93 -5.18
CA GLN B 217 0.48 5.84 -4.25
C GLN B 217 1.63 4.85 -4.28
N LEU B 218 2.10 4.53 -5.47
CA LEU B 218 3.22 3.61 -5.59
C LEU B 218 4.36 4.13 -4.74
N CYS B 219 4.67 5.41 -4.91
CA CYS B 219 5.74 6.04 -4.17
C CYS B 219 5.46 5.90 -2.69
N ILE B 220 4.26 6.30 -2.28
CA ILE B 220 3.86 6.21 -0.89
C ILE B 220 4.11 4.81 -0.41
N ASP B 221 3.70 3.85 -1.21
CA ASP B 221 3.88 2.44 -0.87
C ASP B 221 5.34 2.08 -0.72
N LEU B 222 6.17 2.52 -1.67
CA LEU B 222 7.58 2.19 -1.62
C LEU B 222 8.38 2.92 -0.54
N GLY B 223 7.69 3.62 0.34
CA GLY B 223 8.38 4.31 1.42
C GLY B 223 8.37 5.83 1.43
N TRP B 224 8.04 6.45 0.30
CA TRP B 224 7.99 7.90 0.21
C TRP B 224 6.93 8.48 1.14
N LYS B 225 7.29 9.54 1.85
CA LYS B 225 6.36 10.16 2.76
C LYS B 225 5.53 11.22 2.06
N PRO B 226 4.23 10.98 1.92
CA PRO B 226 3.33 11.95 1.26
C PRO B 226 3.26 13.24 2.05
N ARG B 227 3.28 14.37 1.35
CA ARG B 227 3.22 15.65 2.02
C ARG B 227 1.88 16.35 1.86
N TYR B 228 0.91 15.65 1.28
CA TYR B 228 -0.43 16.18 1.07
C TYR B 228 -0.50 17.65 0.67
N GLY B 229 0.28 18.01 -0.35
CA GLY B 229 0.30 19.38 -0.83
C GLY B 229 -0.29 19.45 -2.24
N ARG B 230 -0.37 20.66 -2.77
CA ARG B 230 -0.94 20.83 -4.10
C ARG B 230 0.15 20.69 -5.17
N PHE B 231 1.38 21.07 -4.79
CA PHE B 231 2.52 21.00 -5.70
C PHE B 231 3.71 20.30 -5.05
N ASP B 232 3.55 19.02 -4.74
CA ASP B 232 4.64 18.28 -4.15
C ASP B 232 5.37 17.50 -5.21
N VAL B 233 6.65 17.81 -5.39
CA VAL B 233 7.46 17.11 -6.37
C VAL B 233 7.61 15.65 -5.96
N LEU B 234 7.31 14.75 -6.89
CA LEU B 234 7.40 13.32 -6.63
C LEU B 234 8.85 12.86 -6.57
N PRO B 235 9.09 11.73 -5.89
CA PRO B 235 10.45 11.19 -5.77
C PRO B 235 10.81 10.42 -7.05
N LEU B 236 12.10 10.23 -7.26
CA LEU B 236 12.55 9.46 -8.42
C LEU B 236 12.44 7.99 -8.00
N VAL B 237 11.87 7.18 -8.88
CA VAL B 237 11.74 5.76 -8.61
C VAL B 237 12.65 5.12 -9.64
N LEU B 238 13.85 4.76 -9.21
CA LEU B 238 14.82 4.18 -10.12
C LEU B 238 15.04 2.68 -9.99
N GLN B 239 15.18 2.06 -11.16
CA GLN B 239 15.42 0.62 -11.27
C GLN B 239 16.75 0.43 -11.99
N ALA B 240 17.73 -0.13 -11.29
CA ALA B 240 19.05 -0.35 -11.88
C ALA B 240 19.35 -1.82 -12.09
N ASP B 241 19.90 -2.15 -13.27
CA ASP B 241 20.26 -3.53 -13.61
C ASP B 241 19.17 -4.53 -13.20
N GLY B 242 17.97 -4.37 -13.75
CA GLY B 242 16.88 -5.26 -13.44
C GLY B 242 16.39 -5.35 -12.00
N GLN B 243 17.07 -4.68 -11.08
CA GLN B 243 16.69 -4.71 -9.67
C GLN B 243 15.35 -4.03 -9.37
N ASP B 244 14.84 -4.27 -8.16
CA ASP B 244 13.58 -3.67 -7.74
C ASP B 244 13.86 -2.18 -7.62
N PRO B 245 12.87 -1.34 -7.97
CA PRO B 245 13.07 0.11 -7.89
C PRO B 245 13.33 0.67 -6.50
N GLU B 246 14.05 1.79 -6.45
CA GLU B 246 14.36 2.48 -5.19
C GLU B 246 13.88 3.92 -5.28
N VAL B 247 13.35 4.43 -4.18
CA VAL B 247 12.84 5.80 -4.13
C VAL B 247 13.93 6.80 -3.75
N PHE B 248 14.00 7.88 -4.51
CA PHE B 248 14.97 8.94 -4.28
C PHE B 248 14.30 10.32 -4.37
N GLU B 249 14.24 11.03 -3.24
CA GLU B 249 13.66 12.38 -3.22
C GLU B 249 14.60 13.30 -3.99
N ILE B 250 14.04 14.16 -4.82
CA ILE B 250 14.84 15.09 -5.60
C ILE B 250 15.15 16.32 -4.76
N PRO B 251 16.45 16.66 -4.63
CA PRO B 251 16.89 17.82 -3.85
C PRO B 251 16.20 19.10 -4.33
N PRO B 252 15.40 19.72 -3.45
CA PRO B 252 14.64 20.95 -3.69
C PRO B 252 15.42 22.08 -4.33
N ASP B 253 16.67 22.23 -3.95
CA ASP B 253 17.49 23.29 -4.52
C ASP B 253 17.73 23.07 -6.02
N LEU B 254 17.41 21.86 -6.48
CA LEU B 254 17.57 21.47 -7.87
C LEU B 254 16.34 21.67 -8.71
N VAL B 255 15.19 21.88 -8.07
CA VAL B 255 13.94 22.06 -8.79
C VAL B 255 13.55 23.53 -8.88
N LEU B 256 13.67 24.09 -10.08
CA LEU B 256 13.33 25.48 -10.32
C LEU B 256 11.85 25.55 -10.62
N GLU B 257 11.17 26.53 -10.04
CA GLU B 257 9.74 26.67 -10.27
C GLU B 257 9.38 28.11 -10.62
N VAL B 258 8.25 28.27 -11.30
CA VAL B 258 7.77 29.58 -11.73
C VAL B 258 6.39 29.80 -11.11
N THR B 259 6.27 30.89 -10.34
CA THR B 259 5.00 31.21 -9.70
C THR B 259 4.14 31.96 -10.71
N MET B 260 2.89 31.53 -10.83
CA MET B 260 1.98 32.13 -11.80
C MET B 260 1.33 33.46 -11.45
N GLU B 261 1.59 34.44 -12.31
CA GLU B 261 1.06 35.79 -12.18
C GLU B 261 0.52 36.24 -13.51
N HIS B 262 -0.44 37.15 -13.47
CA HIS B 262 -1.00 37.67 -14.69
C HIS B 262 -0.64 39.15 -14.74
N PRO B 263 -0.32 39.65 -15.95
CA PRO B 263 0.07 41.05 -16.20
C PRO B 263 -1.01 42.10 -15.97
N LYS B 264 -2.26 41.67 -15.76
CA LYS B 264 -3.35 42.60 -15.52
C LYS B 264 -4.18 42.15 -14.33
N TYR B 265 -4.53 40.88 -14.30
CA TYR B 265 -5.33 40.34 -13.22
C TYR B 265 -4.48 40.08 -12.01
N GLU B 266 -4.58 40.96 -11.03
CA GLU B 266 -3.78 40.78 -9.82
C GLU B 266 -4.32 39.62 -9.01
N TRP B 267 -5.59 39.30 -9.21
CA TRP B 267 -6.20 38.19 -8.48
C TRP B 267 -5.67 36.87 -9.02
N PHE B 268 -4.94 36.92 -10.13
CA PHE B 268 -4.44 35.68 -10.67
C PHE B 268 -3.48 35.04 -9.70
N GLN B 269 -2.56 35.85 -9.19
CA GLN B 269 -1.59 35.38 -8.21
C GLN B 269 -2.32 34.72 -7.01
N GLU B 270 -3.55 35.14 -6.77
CA GLU B 270 -4.35 34.60 -5.68
C GLU B 270 -4.73 33.15 -5.89
N LEU B 271 -4.64 32.68 -7.13
CA LEU B 271 -4.99 31.29 -7.43
C LEU B 271 -3.95 30.34 -6.83
N GLY B 272 -2.80 30.89 -6.47
CA GLY B 272 -1.76 30.09 -5.87
C GLY B 272 -1.18 29.01 -6.78
N LEU B 273 -1.08 29.29 -8.08
CA LEU B 273 -0.54 28.32 -9.03
C LEU B 273 0.94 28.51 -9.28
N LYS B 274 1.62 27.43 -9.66
CA LYS B 274 3.04 27.46 -10.00
C LYS B 274 3.33 26.21 -10.80
N TRP B 275 4.50 26.15 -11.43
CA TRP B 275 4.86 24.96 -12.20
C TRP B 275 6.38 24.86 -12.33
N TYR B 276 6.89 23.67 -12.62
CA TYR B 276 8.34 23.49 -12.77
C TYR B 276 8.83 23.95 -14.14
N ALA B 277 10.06 24.46 -14.16
CA ALA B 277 10.68 24.96 -15.38
C ALA B 277 11.23 23.89 -16.31
N LEU B 278 11.56 22.72 -15.76
CA LEU B 278 12.15 21.66 -16.56
C LEU B 278 11.21 20.57 -17.03
N PRO B 279 10.99 20.51 -18.37
CA PRO B 279 10.12 19.51 -19.00
C PRO B 279 11.04 18.37 -19.44
N ALA B 280 11.02 17.26 -18.71
CA ALA B 280 11.90 16.14 -19.03
C ALA B 280 11.20 14.80 -19.11
N VAL B 281 11.30 14.17 -20.27
CA VAL B 281 10.69 12.86 -20.49
C VAL B 281 11.61 11.82 -19.87
N ALA B 282 11.07 10.99 -19.00
CA ALA B 282 11.89 10.04 -18.27
C ALA B 282 11.75 8.55 -18.60
N ASN B 283 10.64 8.16 -19.20
CA ASN B 283 10.39 6.75 -19.46
C ASN B 283 10.46 6.18 -20.90
N MET B 284 11.01 6.91 -21.85
CA MET B 284 11.04 6.35 -23.19
C MET B 284 12.28 5.49 -23.44
N LEU B 285 12.24 4.71 -24.51
CA LEU B 285 13.35 3.84 -24.86
C LEU B 285 14.01 4.31 -26.15
N LEU B 286 15.35 4.37 -26.14
CA LEU B 286 16.08 4.79 -27.33
C LEU B 286 16.50 3.53 -28.09
N GLU B 287 16.16 3.49 -29.37
CA GLU B 287 16.50 2.37 -30.24
C GLU B 287 17.52 2.91 -31.24
N VAL B 288 18.63 2.20 -31.38
CA VAL B 288 19.65 2.61 -32.33
C VAL B 288 20.41 1.36 -32.76
N GLY B 289 20.50 1.17 -34.07
CA GLY B 289 21.19 0.02 -34.64
C GLY B 289 20.85 -1.30 -33.98
N GLY B 290 19.61 -1.50 -33.61
CA GLY B 290 19.26 -2.77 -32.98
C GLY B 290 19.50 -2.76 -31.49
N LEU B 291 20.29 -1.81 -31.02
CA LEU B 291 20.54 -1.68 -29.60
C LEU B 291 19.36 -0.93 -28.99
N GLU B 292 18.98 -1.31 -27.77
CA GLU B 292 17.88 -0.69 -27.08
C GLU B 292 18.33 -0.09 -25.75
N PHE B 293 18.00 1.17 -25.50
CA PHE B 293 18.34 1.83 -24.24
C PHE B 293 17.05 2.15 -23.49
N PRO B 294 16.68 1.32 -22.51
CA PRO B 294 15.47 1.44 -21.67
C PRO B 294 15.43 2.64 -20.72
N ALA B 295 16.59 3.24 -20.46
CA ALA B 295 16.65 4.38 -19.57
C ALA B 295 17.49 5.44 -20.27
N CYS B 296 16.82 6.52 -20.68
CA CYS B 296 17.48 7.62 -21.38
C CYS B 296 16.63 8.88 -21.24
N PRO B 297 16.58 9.44 -20.04
CA PRO B 297 15.79 10.65 -19.83
C PRO B 297 16.39 11.83 -20.59
N PHE B 298 15.52 12.64 -21.18
CA PHE B 298 15.96 13.79 -21.93
C PHE B 298 15.02 14.96 -21.65
N ASN B 299 15.45 16.15 -22.06
CA ASN B 299 14.64 17.34 -21.85
C ASN B 299 14.98 18.45 -22.83
N GLY B 300 14.02 19.37 -22.96
CA GLY B 300 14.17 20.55 -23.79
C GLY B 300 13.63 21.68 -22.91
N TRP B 301 12.88 22.61 -23.49
CA TRP B 301 12.27 23.66 -22.69
C TRP B 301 10.79 23.63 -23.01
N TYR B 302 9.99 24.26 -22.17
CA TYR B 302 8.53 24.26 -22.32
C TYR B 302 7.91 25.08 -23.45
N MET B 303 6.70 24.67 -23.86
CA MET B 303 5.93 25.41 -24.84
C MET B 303 4.73 25.77 -23.98
N GLY B 304 4.41 27.06 -23.91
CA GLY B 304 3.32 27.55 -23.07
C GLY B 304 2.04 26.76 -22.89
N THR B 305 1.45 26.36 -24.01
CA THR B 305 0.20 25.63 -23.99
C THR B 305 0.25 24.32 -23.19
N GLU B 306 1.46 23.78 -22.99
CA GLU B 306 1.63 22.54 -22.23
C GLU B 306 1.14 22.73 -20.79
N ILE B 307 1.55 23.86 -20.21
CA ILE B 307 1.17 24.19 -18.86
C ILE B 307 -0.16 24.92 -18.90
N GLY B 308 -0.20 26.00 -19.68
CA GLY B 308 -1.39 26.79 -19.76
C GLY B 308 -2.66 26.07 -20.17
N VAL B 309 -2.55 25.18 -21.16
CA VAL B 309 -3.73 24.49 -21.65
C VAL B 309 -3.94 23.09 -21.08
N ARG B 310 -2.94 22.25 -21.19
CA ARG B 310 -3.05 20.87 -20.71
C ARG B 310 -3.01 20.73 -19.20
N ASP B 311 -1.88 21.09 -18.59
CA ASP B 311 -1.73 20.97 -17.14
C ASP B 311 -2.80 21.69 -16.33
N PHE B 312 -3.03 22.97 -16.65
CA PHE B 312 -4.02 23.77 -15.94
C PHE B 312 -5.46 23.61 -16.34
N CYS B 313 -5.73 23.37 -17.63
CA CYS B 313 -7.11 23.27 -18.09
C CYS B 313 -7.72 21.91 -18.39
N ASP B 314 -6.92 20.85 -18.56
CA ASP B 314 -7.53 19.54 -18.78
C ASP B 314 -8.39 19.28 -17.54
N THR B 315 -9.62 18.79 -17.72
CA THR B 315 -10.48 18.57 -16.56
C THR B 315 -9.92 17.56 -15.57
N GLN B 316 -9.16 16.59 -16.07
CA GLN B 316 -8.58 15.55 -15.22
C GLN B 316 -7.19 15.88 -14.69
N ARG B 317 -6.83 17.16 -14.71
CA ARG B 317 -5.55 17.64 -14.23
C ARG B 317 -5.89 18.72 -13.20
N TYR B 318 -5.27 19.90 -13.29
CA TYR B 318 -5.57 20.95 -12.32
C TYR B 318 -6.90 21.67 -12.55
N ASN B 319 -7.58 21.32 -13.63
CA ASN B 319 -8.90 21.84 -13.98
C ASN B 319 -9.31 23.20 -13.40
N ILE B 320 -8.56 24.25 -13.72
CA ILE B 320 -8.83 25.59 -13.21
C ILE B 320 -9.67 26.50 -14.10
N LEU B 321 -10.13 25.97 -15.24
CA LEU B 321 -10.86 26.80 -16.19
C LEU B 321 -12.06 27.56 -15.64
N GLU B 322 -12.94 26.89 -14.92
CA GLU B 322 -14.10 27.58 -14.37
C GLU B 322 -13.79 28.67 -13.34
N GLU B 323 -12.90 28.37 -12.39
CA GLU B 323 -12.52 29.34 -11.38
C GLU B 323 -12.06 30.61 -12.07
N VAL B 324 -11.18 30.45 -13.04
CA VAL B 324 -10.65 31.58 -13.82
C VAL B 324 -11.79 32.26 -14.55
N GLY B 325 -12.75 31.47 -14.99
CA GLY B 325 -13.89 32.00 -15.71
C GLY B 325 -14.71 32.91 -14.82
N ARG B 326 -14.92 32.49 -13.57
CA ARG B 326 -15.69 33.28 -12.62
C ARG B 326 -14.93 34.54 -12.22
N ARG B 327 -13.64 34.39 -11.97
CA ARG B 327 -12.80 35.51 -11.59
C ARG B 327 -12.85 36.59 -12.65
N MET B 328 -13.05 36.17 -13.90
CA MET B 328 -13.13 37.10 -15.01
C MET B 328 -14.54 37.65 -15.18
N GLY B 329 -15.48 37.09 -14.42
CA GLY B 329 -16.88 37.53 -14.49
C GLY B 329 -17.59 37.22 -15.79
N LEU B 330 -17.18 36.13 -16.44
CA LEU B 330 -17.78 35.72 -17.70
C LEU B 330 -19.02 34.88 -17.42
N GLU B 331 -19.77 34.54 -18.45
CA GLU B 331 -20.98 33.74 -18.26
C GLU B 331 -20.64 32.27 -18.31
N THR B 332 -20.04 31.77 -17.25
CA THR B 332 -19.62 30.38 -17.18
C THR B 332 -20.75 29.37 -17.27
N HIS B 333 -21.98 29.84 -17.37
CA HIS B 333 -23.10 28.93 -17.46
C HIS B 333 -23.63 28.76 -18.87
N THR B 334 -23.24 29.69 -19.73
CA THR B 334 -23.65 29.67 -21.12
C THR B 334 -22.44 29.30 -21.98
N LEU B 335 -22.39 28.04 -22.40
CA LEU B 335 -21.31 27.54 -23.23
C LEU B 335 -21.11 28.41 -24.46
N ALA B 336 -22.20 28.68 -25.15
CA ALA B 336 -22.17 29.46 -26.38
C ALA B 336 -21.55 30.84 -26.23
N SER B 337 -21.28 31.27 -25.00
CA SER B 337 -20.69 32.59 -24.79
C SER B 337 -19.18 32.59 -25.04
N LEU B 338 -18.63 31.40 -25.28
CA LEU B 338 -17.20 31.23 -25.54
C LEU B 338 -16.30 31.70 -24.40
N TRP B 339 -16.81 31.59 -23.18
CA TRP B 339 -16.06 32.02 -22.01
C TRP B 339 -14.83 31.15 -21.80
N LYS B 340 -14.89 29.89 -22.21
CA LYS B 340 -13.74 28.99 -22.04
C LYS B 340 -12.56 29.44 -22.92
N ASP B 341 -12.87 29.96 -24.12
CA ASP B 341 -11.83 30.42 -25.03
C ASP B 341 -11.17 31.68 -24.45
N ARG B 342 -11.96 32.52 -23.81
CA ARG B 342 -11.43 33.73 -23.21
C ARG B 342 -10.56 33.41 -22.00
N ALA B 343 -11.02 32.46 -21.19
CA ALA B 343 -10.29 32.06 -19.99
C ALA B 343 -8.94 31.45 -20.32
N VAL B 344 -8.96 30.37 -21.11
CA VAL B 344 -7.73 29.68 -21.46
C VAL B 344 -6.68 30.62 -22.04
N THR B 345 -7.11 31.66 -22.74
CA THR B 345 -6.15 32.59 -23.33
C THR B 345 -5.47 33.42 -22.25
N GLU B 346 -6.24 33.84 -21.25
CA GLU B 346 -5.65 34.63 -20.18
C GLU B 346 -4.67 33.74 -19.39
N ILE B 347 -4.99 32.46 -19.26
CA ILE B 347 -4.12 31.52 -18.55
C ILE B 347 -2.81 31.33 -19.33
N ASN B 348 -2.88 31.21 -20.65
CA ASN B 348 -1.67 31.06 -21.46
C ASN B 348 -0.82 32.33 -21.35
N VAL B 349 -1.48 33.48 -21.23
CA VAL B 349 -0.75 34.74 -21.11
C VAL B 349 0.00 34.75 -19.77
N ALA B 350 -0.68 34.34 -18.70
CA ALA B 350 -0.07 34.28 -17.37
C ALA B 350 1.16 33.38 -17.39
N VAL B 351 1.01 32.16 -17.92
CA VAL B 351 2.11 31.21 -18.00
C VAL B 351 3.30 31.85 -18.73
N LEU B 352 3.07 32.36 -19.94
CA LEU B 352 4.16 32.97 -20.69
C LEU B 352 4.75 34.16 -19.96
N HIS B 353 3.87 35.03 -19.48
CA HIS B 353 4.30 36.20 -18.76
C HIS B 353 5.18 35.84 -17.54
N SER B 354 4.71 34.89 -16.74
CA SER B 354 5.45 34.44 -15.55
C SER B 354 6.84 33.87 -15.85
N PHE B 355 6.96 33.05 -16.90
CA PHE B 355 8.27 32.49 -17.25
C PHE B 355 9.20 33.61 -17.70
N GLN B 356 8.68 34.55 -18.47
CA GLN B 356 9.50 35.66 -18.96
C GLN B 356 9.95 36.55 -17.81
N LYS B 357 9.01 36.89 -16.94
CA LYS B 357 9.30 37.76 -15.82
C LYS B 357 10.35 37.16 -14.90
N GLN B 358 10.29 35.85 -14.70
CA GLN B 358 11.25 35.18 -13.83
C GLN B 358 12.47 34.62 -14.56
N ASN B 359 12.65 35.06 -15.79
CA ASN B 359 13.76 34.68 -16.66
C ASN B 359 13.97 33.19 -16.96
N VAL B 360 12.89 32.45 -17.18
CA VAL B 360 12.97 31.02 -17.50
C VAL B 360 12.58 30.81 -18.96
N THR B 361 13.41 30.08 -19.70
CA THR B 361 13.13 29.82 -21.11
C THR B 361 11.75 29.20 -21.32
N ILE B 362 11.07 29.69 -22.35
CA ILE B 362 9.77 29.17 -22.73
C ILE B 362 9.44 29.75 -24.11
N MET B 363 8.63 29.05 -24.89
CA MET B 363 8.24 29.51 -26.22
C MET B 363 6.74 29.35 -26.42
N ASP B 364 6.10 30.38 -26.97
CA ASP B 364 4.66 30.32 -27.19
C ASP B 364 4.43 29.41 -28.39
N HIS B 365 3.20 28.90 -28.52
CA HIS B 365 2.90 27.97 -29.60
C HIS B 365 2.94 28.54 -31.01
N HIS B 366 2.71 29.83 -31.14
CA HIS B 366 2.75 30.44 -32.47
C HIS B 366 4.17 30.39 -33.03
N THR B 367 5.11 30.91 -32.25
CA THR B 367 6.51 30.93 -32.64
C THR B 367 7.00 29.51 -32.85
N ALA B 368 6.55 28.61 -31.99
CA ALA B 368 6.94 27.20 -32.08
C ALA B 368 6.51 26.62 -33.40
N SER B 369 5.26 26.84 -33.78
CA SER B 369 4.73 26.35 -35.05
C SER B 369 5.53 26.88 -36.24
N GLU B 370 5.78 28.19 -36.26
CA GLU B 370 6.54 28.79 -37.35
C GLU B 370 7.92 28.17 -37.36
N SER B 371 8.45 27.94 -36.16
CA SER B 371 9.76 27.34 -35.99
C SER B 371 9.76 25.95 -36.64
N PHE B 372 8.74 25.17 -36.36
CA PHE B 372 8.67 23.83 -36.92
C PHE B 372 8.46 23.83 -38.42
N MET B 373 7.70 24.80 -38.93
CA MET B 373 7.46 24.88 -40.36
C MET B 373 8.81 25.10 -41.03
N LYS B 374 9.57 26.06 -40.52
CA LYS B 374 10.88 26.34 -41.06
C LYS B 374 11.73 25.06 -41.04
N HIS B 375 11.72 24.37 -39.90
CA HIS B 375 12.48 23.14 -39.78
C HIS B 375 12.07 22.11 -40.82
N MET B 376 10.77 21.88 -40.94
CA MET B 376 10.28 20.89 -41.88
C MET B 376 10.79 21.19 -43.28
N GLN B 377 10.79 22.47 -43.64
CA GLN B 377 11.28 22.87 -44.96
C GLN B 377 12.75 22.47 -45.08
N ASN B 378 13.53 22.74 -44.05
CA ASN B 378 14.95 22.38 -44.08
C ASN B 378 15.08 20.89 -44.35
N GLU B 379 14.29 20.09 -43.64
CA GLU B 379 14.32 18.64 -43.74
C GLU B 379 14.03 18.02 -45.11
N TYR B 380 13.06 18.58 -45.84
CA TYR B 380 12.75 18.04 -47.16
C TYR B 380 13.90 18.36 -48.11
N ARG B 381 14.52 19.51 -47.92
CA ARG B 381 15.66 19.90 -48.72
C ARG B 381 16.85 19.02 -48.38
N ALA B 382 17.03 18.78 -47.08
CA ALA B 382 18.14 17.98 -46.58
C ALA B 382 18.04 16.50 -46.91
N ARG B 383 16.90 15.88 -46.62
CA ARG B 383 16.76 14.46 -46.94
C ARG B 383 15.43 14.00 -47.49
N GLY B 384 14.70 14.93 -48.08
CA GLY B 384 13.43 14.61 -48.70
C GLY B 384 12.37 14.01 -47.81
N GLY B 385 12.11 14.67 -46.70
CA GLY B 385 11.10 14.17 -45.79
C GLY B 385 11.32 14.59 -44.35
N CYS B 386 10.27 14.43 -43.56
CA CYS B 386 10.27 14.78 -42.15
C CYS B 386 9.05 14.08 -41.55
N PRO B 387 9.29 13.00 -40.79
CA PRO B 387 8.16 12.28 -40.19
C PRO B 387 7.44 13.23 -39.22
N ALA B 388 6.14 13.44 -39.44
CA ALA B 388 5.39 14.34 -38.59
C ALA B 388 3.98 13.86 -38.24
N ASP B 389 3.64 13.95 -36.97
CA ASP B 389 2.32 13.53 -36.48
C ASP B 389 1.49 14.78 -36.29
N TRP B 390 0.69 15.09 -37.30
CA TRP B 390 -0.17 16.27 -37.28
C TRP B 390 -0.93 16.41 -35.96
N ILE B 391 -1.58 15.33 -35.53
CA ILE B 391 -2.36 15.31 -34.30
C ILE B 391 -1.62 15.78 -33.07
N TRP B 392 -0.30 15.63 -33.06
CA TRP B 392 0.50 16.07 -31.92
C TRP B 392 1.15 17.41 -32.16
N LEU B 393 1.43 17.74 -33.42
CA LEU B 393 2.10 18.99 -33.74
C LEU B 393 1.19 20.23 -33.69
N VAL B 394 -0.10 20.07 -33.98
CA VAL B 394 -1.02 21.19 -33.92
C VAL B 394 -1.30 21.48 -32.43
N PRO B 395 -1.03 22.72 -31.97
CA PRO B 395 -1.25 23.15 -30.57
C PRO B 395 -2.65 22.86 -30.04
N PRO B 396 -2.79 22.64 -28.71
CA PRO B 396 -4.11 22.36 -28.10
C PRO B 396 -5.12 23.50 -28.17
N VAL B 397 -4.68 24.65 -28.67
CA VAL B 397 -5.56 25.81 -28.85
C VAL B 397 -5.09 26.56 -30.08
N SER B 398 -6.01 27.24 -30.75
CA SER B 398 -5.65 28.01 -31.93
C SER B 398 -5.05 27.19 -33.05
N GLY B 399 -5.59 25.98 -33.26
CA GLY B 399 -5.07 25.11 -34.31
C GLY B 399 -4.81 25.76 -35.66
N SER B 400 -5.88 26.14 -36.36
CA SER B 400 -5.73 26.73 -37.69
C SER B 400 -5.10 28.11 -37.72
N ILE B 401 -4.89 28.71 -36.56
CA ILE B 401 -4.26 30.02 -36.52
C ILE B 401 -2.75 29.79 -36.66
N THR B 402 -2.33 28.54 -36.46
CA THR B 402 -0.92 28.20 -36.58
C THR B 402 -0.71 27.59 -37.95
N PRO B 403 0.47 27.79 -38.55
CA PRO B 403 0.70 27.23 -39.88
C PRO B 403 0.72 25.71 -40.00
N VAL B 404 1.16 25.00 -38.95
CA VAL B 404 1.22 23.54 -39.01
C VAL B 404 -0.14 22.93 -39.30
N PHE B 405 -1.21 23.61 -38.90
CA PHE B 405 -2.56 23.09 -39.13
C PHE B 405 -2.87 22.91 -40.61
N HIS B 406 -2.31 23.79 -41.46
CA HIS B 406 -2.56 23.76 -42.91
C HIS B 406 -1.56 22.95 -43.74
N GLN B 407 -0.66 22.27 -43.05
CA GLN B 407 0.36 21.46 -43.69
C GLN B 407 0.01 19.98 -43.67
N GLU B 408 0.05 19.33 -44.84
CA GLU B 408 -0.21 17.89 -44.89
C GLU B 408 1.09 17.29 -44.41
N MET B 409 1.01 16.20 -43.66
CA MET B 409 2.21 15.59 -43.12
C MET B 409 2.14 14.09 -43.19
N LEU B 410 3.32 13.49 -43.28
CA LEU B 410 3.43 12.05 -43.35
C LEU B 410 4.09 11.57 -42.10
N ASN B 411 3.48 10.58 -41.49
CA ASN B 411 4.00 10.04 -40.25
C ASN B 411 4.51 8.60 -40.43
N TYR B 412 5.81 8.40 -40.18
CA TYR B 412 6.42 7.07 -40.28
C TYR B 412 7.51 6.93 -39.21
N VAL B 413 7.88 5.69 -38.88
CA VAL B 413 8.91 5.44 -37.88
C VAL B 413 10.27 5.13 -38.51
N LEU B 414 11.24 6.04 -38.34
CA LEU B 414 12.59 5.82 -38.85
C LEU B 414 13.46 5.24 -37.72
N SER B 415 14.78 5.30 -37.86
CA SER B 415 15.67 4.80 -36.83
C SER B 415 17.00 5.51 -36.96
N PRO B 416 17.63 5.87 -35.83
CA PRO B 416 17.25 5.70 -34.42
C PRO B 416 15.87 6.32 -34.08
N PHE B 417 15.30 5.92 -32.95
CA PHE B 417 13.96 6.37 -32.58
C PHE B 417 13.70 6.27 -31.06
N TYR B 418 12.84 7.16 -30.55
CA TYR B 418 12.47 7.13 -29.14
C TYR B 418 11.09 6.47 -29.06
N TYR B 419 11.04 5.27 -28.48
CA TYR B 419 9.78 4.52 -28.34
C TYR B 419 9.17 4.65 -26.98
N TYR B 420 7.92 4.23 -26.88
CA TYR B 420 7.24 4.21 -25.59
C TYR B 420 7.63 2.82 -25.08
N GLN B 421 7.27 2.50 -23.85
CA GLN B 421 7.57 1.18 -23.28
C GLN B 421 6.35 0.77 -22.45
N ILE B 422 6.31 -0.48 -22.02
CA ILE B 422 5.21 -0.95 -21.18
C ILE B 422 5.48 -0.43 -19.78
N GLU B 423 4.46 0.01 -19.06
CA GLU B 423 4.67 0.52 -17.70
C GLU B 423 5.47 -0.53 -16.95
N PRO B 424 6.68 -0.15 -16.48
CA PRO B 424 7.57 -1.06 -15.74
C PRO B 424 6.89 -1.88 -14.65
N TRP B 425 6.02 -1.24 -13.87
CA TRP B 425 5.35 -1.94 -12.79
C TRP B 425 4.36 -2.96 -13.30
N LYS B 426 4.34 -3.19 -14.61
CA LYS B 426 3.41 -4.17 -15.14
C LYS B 426 4.12 -5.43 -15.59
N THR B 427 5.39 -5.29 -15.94
CA THR B 427 6.18 -6.43 -16.40
C THR B 427 7.37 -6.68 -15.48
N HIS B 428 7.32 -6.12 -14.29
CA HIS B 428 8.40 -6.33 -13.36
C HIS B 428 8.04 -7.36 -12.32
N ILE B 429 8.93 -8.31 -12.11
CA ILE B 429 8.70 -9.35 -11.12
C ILE B 429 9.55 -8.96 -9.91
N TRP B 430 8.89 -8.72 -8.79
CA TRP B 430 9.58 -8.30 -7.58
C TRP B 430 10.34 -9.37 -6.80
N GLN B 431 11.36 -8.93 -6.06
CA GLN B 431 12.18 -9.82 -5.24
C GLN B 431 11.70 -9.78 -3.78
#